data_7D98
#
_entry.id   7D98
#
_cell.length_a   105.819
_cell.length_b   105.819
_cell.length_c   602.516
_cell.angle_alpha   90.000
_cell.angle_beta   90.000
_cell.angle_gamma   120.000
#
_symmetry.space_group_name_H-M   'P 61 2 2'
#
loop_
_entity.id
_entity.type
_entity.pdbx_description
1 polymer 'LysR-type regulatory protein'
2 polymer 'DNA (56-mer)'
3 polymer 'DNA (56-mer)'
#
loop_
_entity_poly.entity_id
_entity_poly.type
_entity_poly.pdbx_seq_one_letter_code
_entity_poly.pdbx_strand_id
1 'polypeptide(L)'
;MEFRQLKYFIAVAEAGNMAAAAKRLHVSQPPITRQMQALEADLGVVLLERSHRGIELTAAGHAFLEDARRILELAGRSGD
RSRAAARGDVGELSVAYFGTPIYRSLPLLLRAFLTSTPTATVSLTHMTKDEQVEGLLAGTIHVGFSRFFPRHPGIEIVNI
AQEDLYLAVHRSQSGKFGKTCKLADLRAVELTLFPRGGRPSFADEVIGLFKHAGIEPRIARVVEDATAALALTMAGAASS
IVPASVAAIRWPDIAFARIVGTRVKVPISCIFRKEKQPPILARFVEHVRRSAKD
;
A,B,P,Q
2 'polydeoxyribonucleotide'
;(DA)(DC)(DT)(DA)(DT)(DA)(DT)(DT)(DA)(DC)(DG)(DC)(DA)(DA)(DA)(DC)(DC)(DG)(DT)(DA)
(DA)(DC)(DG)(DA)(DT)(DG)(DG)(DC)(DT)(DG)(DA)(DC)(DT)(DA)(DA)(DT)(DT)(DT)(DG)(DG)
(DT)(DA)(DT)(DT)(DG)(DG)(DA)(DC)(DG)(DG)(DC)(DA)(DT)(DG)(DG)(DC)
;
G
3 'polydeoxyribonucleotide'
;(DT)(DG)(DC)(DC)(DA)(DT)(DG)(DC)(DC)(DG)(DT)(DC)(DC)(DA)(DA)(DT)(DA)(DC)(DC)(DA)
(DA)(DA)(DT)(DT)(DA)(DG)(DT)(DC)(DA)(DG)(DC)(DC)(DA)(DT)(DC)(DG)(DT)(DT)(DA)(DC)
(DG)(DG)(DT)(DT)(DT)(DG)(DC)(DG)(DT)(DA)(DA)(DT)(DA)(DT)(DA)(DG)
;
H
#
loop_
_chem_comp.id
_chem_comp.type
_chem_comp.name
_chem_comp.formula
DA DNA linking 2'-DEOXYADENOSINE-5'-MONOPHOSPHATE 'C10 H14 N5 O6 P'
DC DNA linking 2'-DEOXYCYTIDINE-5'-MONOPHOSPHATE 'C9 H14 N3 O7 P'
DG DNA linking 2'-DEOXYGUANOSINE-5'-MONOPHOSPHATE 'C10 H14 N5 O7 P'
DT DNA linking THYMIDINE-5'-MONOPHOSPHATE 'C10 H15 N2 O8 P'
#
# COMPACT_ATOMS: atom_id res chain seq x y z
N GLU A 2 -12.31 36.01 11.89
CA GLU A 2 -11.55 36.94 12.70
C GLU A 2 -10.52 36.01 13.36
N PHE A 3 -9.55 36.52 14.12
CA PHE A 3 -8.60 35.60 14.76
C PHE A 3 -9.27 34.68 15.78
N ARG A 4 -10.31 35.15 16.47
CA ARG A 4 -11.07 34.27 17.34
C ARG A 4 -11.86 33.24 16.55
N GLN A 5 -12.11 33.51 15.26
CA GLN A 5 -12.87 32.60 14.42
C GLN A 5 -12.02 31.42 13.96
N LEU A 6 -10.81 31.70 13.47
CA LEU A 6 -9.95 30.63 12.99
C LEU A 6 -9.75 29.57 14.06
N LYS A 7 -9.29 29.98 15.24
CA LYS A 7 -9.09 29.08 16.37
C LYS A 7 -10.28 28.13 16.54
N TYR A 8 -11.47 28.70 16.77
CA TYR A 8 -12.69 27.91 16.89
C TYR A 8 -12.78 26.86 15.77
N PHE A 9 -12.68 27.33 14.52
CA PHE A 9 -12.80 26.40 13.38
C PHE A 9 -11.79 25.27 13.49
N ILE A 10 -10.53 25.60 13.81
CA ILE A 10 -9.51 24.56 13.88
C ILE A 10 -9.79 23.63 15.05
N ALA A 11 -10.37 24.16 16.14
CA ALA A 11 -10.79 23.30 17.24
C ALA A 11 -12.01 22.48 16.87
N VAL A 12 -12.78 22.92 15.88
CA VAL A 12 -13.98 22.19 15.46
C VAL A 12 -13.63 21.09 14.46
N ALA A 13 -12.71 21.35 13.52
CA ALA A 13 -12.24 20.30 12.63
C ALA A 13 -11.51 19.20 13.39
N GLU A 14 -10.74 19.57 14.40
CA GLU A 14 -10.19 18.58 15.32
C GLU A 14 -11.29 17.74 15.97
N ALA A 15 -12.28 18.41 16.56
CA ALA A 15 -13.24 17.72 17.41
C ALA A 15 -14.15 16.78 16.61
N GLY A 16 -14.71 17.27 15.49
CA GLY A 16 -15.72 16.55 14.75
C GLY A 16 -17.13 16.94 15.13
N ASN A 17 -17.34 17.37 16.37
CA ASN A 17 -18.60 17.93 16.83
C ASN A 17 -18.32 19.21 17.61
N MET A 18 -19.31 20.12 17.61
CA MET A 18 -19.07 21.43 18.19
C MET A 18 -19.03 21.40 19.71
N ALA A 19 -19.73 20.44 20.33
CA ALA A 19 -19.78 20.39 21.79
C ALA A 19 -18.41 20.11 22.39
N ALA A 20 -17.70 19.12 21.85
CA ALA A 20 -16.38 18.78 22.40
C ALA A 20 -15.38 19.91 22.21
N ALA A 21 -15.42 20.55 21.03
CA ALA A 21 -14.50 21.65 20.75
C ALA A 21 -14.65 22.76 21.78
N ALA A 22 -15.89 23.13 22.09
CA ALA A 22 -16.13 24.14 23.13
C ALA A 22 -15.51 23.71 24.45
N LYS A 23 -15.56 22.41 24.76
CA LYS A 23 -14.90 21.91 25.96
C LYS A 23 -13.42 22.21 25.93
N ARG A 24 -12.79 22.05 24.77
CA ARG A 24 -11.37 22.38 24.62
C ARG A 24 -11.10 23.87 24.67
N LEU A 25 -12.14 24.70 24.54
CA LEU A 25 -12.00 26.15 24.63
C LEU A 25 -12.66 26.72 25.88
N HIS A 26 -13.25 25.88 26.72
CA HIS A 26 -13.95 26.33 27.92
C HIS A 26 -15.06 27.32 27.57
N VAL A 27 -15.67 27.13 26.40
CA VAL A 27 -16.78 27.97 25.96
C VAL A 27 -18.01 27.10 25.78
N SER A 28 -19.09 27.69 25.26
CA SER A 28 -20.32 26.96 25.01
C SER A 28 -20.44 26.66 23.51
N GLN A 29 -21.60 26.13 23.11
CA GLN A 29 -21.85 25.78 21.72
C GLN A 29 -22.46 26.94 20.93
N PRO A 30 -23.39 27.73 21.49
CA PRO A 30 -23.92 28.89 20.76
C PRO A 30 -22.82 29.86 20.33
N PRO A 31 -21.83 30.17 21.20
CA PRO A 31 -20.77 31.09 20.74
C PRO A 31 -20.03 30.61 19.51
N ILE A 32 -19.51 29.38 19.53
CA ILE A 32 -18.75 28.89 18.39
C ILE A 32 -19.66 28.72 17.18
N THR A 33 -20.93 28.34 17.40
CA THR A 33 -21.84 28.20 16.26
C THR A 33 -22.09 29.54 15.59
N ARG A 34 -22.35 30.59 16.38
CA ARG A 34 -22.58 31.91 15.80
C ARG A 34 -21.33 32.42 15.09
N GLN A 35 -20.15 32.19 15.67
CA GLN A 35 -18.95 32.71 15.02
C GLN A 35 -18.63 31.91 13.76
N MET A 36 -18.91 30.60 13.73
CA MET A 36 -18.72 29.83 12.51
C MET A 36 -19.70 30.25 11.43
N GLN A 37 -20.93 30.61 11.81
CA GLN A 37 -21.85 31.19 10.83
C GLN A 37 -21.27 32.48 10.26
N ALA A 38 -20.79 33.36 11.14
CA ALA A 38 -20.22 34.64 10.69
C ALA A 38 -19.02 34.40 9.77
N LEU A 39 -18.21 33.39 10.07
CA LEU A 39 -17.01 33.13 9.28
C LEU A 39 -17.35 32.48 7.94
N GLU A 40 -18.31 31.54 7.92
CA GLU A 40 -18.77 30.97 6.66
C GLU A 40 -19.36 32.06 5.77
N ALA A 41 -20.02 33.05 6.37
CA ALA A 41 -20.57 34.15 5.58
C ALA A 41 -19.48 35.09 5.11
N ASP A 42 -18.48 35.37 5.95
CA ASP A 42 -17.41 36.27 5.58
C ASP A 42 -16.51 35.69 4.50
N LEU A 43 -16.33 34.36 4.51
CA LEU A 43 -15.51 33.68 3.50
C LEU A 43 -16.31 33.33 2.26
N GLY A 44 -17.49 32.74 2.43
CA GLY A 44 -18.31 32.36 1.30
C GLY A 44 -18.08 30.94 0.85
N VAL A 45 -18.23 29.99 1.76
CA VAL A 45 -18.02 28.57 1.46
C VAL A 45 -18.63 27.74 2.57
N VAL A 46 -19.30 26.64 2.18
CA VAL A 46 -19.84 25.71 3.17
C VAL A 46 -18.68 24.97 3.83
N LEU A 47 -18.59 25.12 5.15
CA LEU A 47 -17.51 24.54 5.95
C LEU A 47 -18.07 23.55 6.97
N LEU A 48 -19.15 22.86 6.62
CA LEU A 48 -19.82 21.94 7.53
C LEU A 48 -20.16 20.60 6.87
N LEU A 57 -17.99 16.93 11.24
CA LEU A 57 -18.64 17.18 9.95
C LEU A 57 -17.95 18.30 9.18
N THR A 58 -16.82 17.98 8.56
CA THR A 58 -16.07 18.94 7.75
C THR A 58 -16.48 18.87 6.29
N ALA A 59 -16.36 19.99 5.59
CA ALA A 59 -16.77 20.11 4.19
C ALA A 59 -15.56 20.33 3.29
N ALA A 60 -15.82 20.67 2.02
CA ALA A 60 -14.80 20.88 0.99
C ALA A 60 -13.96 22.12 1.22
N GLY A 61 -14.02 22.75 2.39
CA GLY A 61 -13.12 23.85 2.68
C GLY A 61 -11.99 23.41 3.58
N HIS A 62 -11.42 22.24 3.30
CA HIS A 62 -10.22 21.81 4.00
C HIS A 62 -9.04 22.73 3.71
N ALA A 63 -9.00 23.30 2.50
CA ALA A 63 -7.97 24.27 2.16
C ALA A 63 -7.98 25.46 3.11
N PHE A 64 -9.17 25.86 3.58
CA PHE A 64 -9.22 26.90 4.60
C PHE A 64 -8.60 26.44 5.90
N LEU A 65 -8.79 25.18 6.28
CA LEU A 65 -8.13 24.64 7.46
C LEU A 65 -6.61 24.71 7.31
N GLU A 66 -6.11 24.32 6.14
CA GLU A 66 -4.66 24.36 5.90
C GLU A 66 -4.12 25.79 5.99
N ASP A 67 -4.76 26.71 5.28
CA ASP A 67 -4.29 28.10 5.30
C ASP A 67 -4.46 28.73 6.68
N ALA A 68 -5.47 28.32 7.46
CA ALA A 68 -5.65 28.89 8.79
C ALA A 68 -4.57 28.40 9.75
N ARG A 69 -4.22 27.10 9.65
CA ARG A 69 -3.06 26.62 10.39
C ARG A 69 -1.80 27.41 10.01
N ARG A 70 -1.63 27.67 8.72
CA ARG A 70 -0.49 28.49 8.28
C ARG A 70 -0.53 29.88 8.91
N ILE A 71 -1.71 30.49 8.95
CA ILE A 71 -1.84 31.87 9.47
C ILE A 71 -1.50 31.91 10.94
N LEU A 72 -2.03 30.97 11.72
CA LEU A 72 -1.71 30.97 13.15
C LEU A 72 -0.24 30.64 13.39
N GLU A 73 0.36 29.81 12.53
CA GLU A 73 1.79 29.57 12.60
C GLU A 73 2.57 30.87 12.42
N LEU A 74 2.23 31.64 11.37
CA LEU A 74 2.88 32.94 11.17
C LEU A 74 2.60 33.92 12.30
N ALA A 75 1.42 33.85 12.93
CA ALA A 75 1.16 34.73 14.06
C ALA A 75 2.10 34.45 15.22
N GLY A 76 2.21 33.17 15.60
CA GLY A 76 3.12 32.80 16.68
C GLY A 76 4.58 33.08 16.34
N ARG A 77 4.98 32.74 15.12
CA ARG A 77 6.34 32.94 14.64
C ARG A 77 6.61 34.38 14.21
N SER A 78 5.63 35.26 14.31
CA SER A 78 5.83 36.69 14.24
C SER A 78 6.04 37.27 15.64
N GLY A 79 5.23 36.85 16.60
CA GLY A 79 5.45 37.22 17.98
C GLY A 79 6.85 36.87 18.47
N ASP A 80 7.19 35.59 18.40
CA ASP A 80 8.49 35.15 18.89
C ASP A 80 9.63 35.78 18.10
N ARG A 81 9.44 35.92 16.78
CA ARG A 81 10.44 36.53 15.92
C ARG A 81 10.71 37.97 16.33
N SER A 82 9.65 38.74 16.54
CA SER A 82 9.79 40.14 16.91
C SER A 82 10.48 40.27 18.26
N ARG A 83 10.09 39.42 19.22
CA ARG A 83 10.75 39.45 20.52
C ARG A 83 12.25 39.22 20.38
N ALA A 84 12.64 38.10 19.77
CA ALA A 84 14.05 37.76 19.66
C ALA A 84 14.80 38.76 18.79
N ALA A 85 14.13 39.39 17.83
CA ALA A 85 14.79 40.40 17.02
C ALA A 85 15.07 41.65 17.83
N ALA A 86 14.14 42.03 18.71
CA ALA A 86 14.39 43.16 19.59
C ALA A 86 15.51 42.85 20.58
N ARG A 87 15.57 41.60 21.06
CA ARG A 87 16.59 41.20 22.02
C ARG A 87 18.00 41.20 21.43
N GLY A 88 18.13 41.26 20.11
CA GLY A 88 19.43 41.06 19.49
C GLY A 88 19.84 39.60 19.40
N ASP A 89 18.92 38.68 19.65
CA ASP A 89 19.17 37.24 19.53
C ASP A 89 19.37 36.90 18.05
N VAL A 90 19.37 35.60 17.76
CA VAL A 90 19.34 35.14 16.39
C VAL A 90 17.96 34.66 15.97
N GLY A 91 17.16 34.15 16.90
CA GLY A 91 15.77 33.88 16.60
C GLY A 91 15.32 32.46 16.88
N GLU A 92 14.66 31.87 15.89
CA GLU A 92 14.17 30.50 16.01
C GLU A 92 14.28 29.85 14.63
N LEU A 93 15.21 28.90 14.50
CA LEU A 93 15.42 28.21 13.24
C LEU A 93 14.41 27.08 13.12
N SER A 94 13.48 27.20 12.17
CA SER A 94 12.46 26.18 11.95
C SER A 94 13.02 25.10 11.03
N VAL A 95 13.23 23.90 11.58
CA VAL A 95 13.83 22.79 10.87
C VAL A 95 12.78 21.71 10.65
N ALA A 96 12.68 21.23 9.42
CA ALA A 96 11.88 20.06 9.11
C ALA A 96 12.81 18.86 8.95
N TYR A 97 12.23 17.67 9.09
CA TYR A 97 12.98 16.43 9.03
C TYR A 97 12.09 15.35 8.44
N PHE A 98 12.68 14.50 7.61
CA PHE A 98 12.01 13.28 7.15
C PHE A 98 12.95 12.10 7.32
N GLY A 99 12.48 11.10 8.04
CA GLY A 99 13.16 9.83 8.10
C GLY A 99 14.05 9.63 9.30
N THR A 100 15.13 8.91 9.08
CA THR A 100 15.98 8.36 10.12
C THR A 100 16.92 9.36 10.79
N PRO A 101 17.40 10.42 10.10
CA PRO A 101 18.28 11.40 10.79
C PRO A 101 17.75 11.89 12.13
N ILE A 102 16.44 11.87 12.34
CA ILE A 102 15.87 12.36 13.60
C ILE A 102 16.33 11.54 14.80
N TYR A 103 16.86 10.33 14.58
CA TYR A 103 17.11 9.44 15.70
C TYR A 103 18.38 9.84 16.45
N ARG A 104 19.48 10.10 15.74
CA ARG A 104 20.70 10.45 16.45
C ARG A 104 21.47 11.54 15.71
N SER A 105 21.62 11.41 14.39
CA SER A 105 22.50 12.30 13.64
C SER A 105 22.02 13.75 13.69
N LEU A 106 20.82 14.01 13.18
CA LEU A 106 20.28 15.38 13.18
C LEU A 106 20.25 16.00 14.57
N PRO A 107 19.92 15.29 15.67
CA PRO A 107 20.05 15.91 16.99
C PRO A 107 21.45 16.37 17.34
N LEU A 108 22.49 15.59 17.02
CA LEU A 108 23.85 16.07 17.23
C LEU A 108 24.16 17.30 16.39
N LEU A 109 23.70 17.32 15.14
CA LEU A 109 23.94 18.53 14.34
C LEU A 109 23.25 19.74 14.96
N LEU A 110 22.03 19.55 15.46
CA LEU A 110 21.29 20.66 16.06
C LEU A 110 21.97 21.12 17.36
N ARG A 111 22.50 20.18 18.14
CA ARG A 111 23.24 20.58 19.34
C ARG A 111 24.50 21.35 18.97
N ALA A 112 25.25 20.86 17.97
CA ALA A 112 26.46 21.54 17.55
C ALA A 112 26.15 22.93 17.00
N PHE A 113 24.95 23.13 16.47
CA PHE A 113 24.58 24.47 16.03
C PHE A 113 24.11 25.35 17.19
N LEU A 114 23.30 24.81 18.11
CA LEU A 114 22.77 25.62 19.19
C LEU A 114 23.86 26.05 20.16
N THR A 115 24.88 25.23 20.38
CA THR A 115 25.98 25.66 21.24
C THR A 115 26.83 26.74 20.58
N SER A 116 27.00 26.68 19.26
CA SER A 116 27.79 27.68 18.57
C SER A 116 27.03 29.00 18.44
N THR A 117 25.72 28.93 18.19
CA THR A 117 24.89 30.12 18.14
C THR A 117 23.95 30.09 19.33
N PRO A 118 24.41 30.52 20.51
CA PRO A 118 23.64 30.28 21.74
C PRO A 118 22.35 31.07 21.81
N THR A 119 22.28 32.23 21.15
CA THR A 119 21.08 33.05 21.17
C THR A 119 19.99 32.51 20.25
N ALA A 120 20.21 31.39 19.58
CA ALA A 120 19.27 30.84 18.62
C ALA A 120 18.56 29.63 19.20
N THR A 121 17.28 29.49 18.86
CA THR A 121 16.47 28.33 19.20
C THR A 121 16.03 27.63 17.93
N VAL A 122 15.43 26.44 18.09
CA VAL A 122 15.10 25.58 16.97
C VAL A 122 13.73 24.95 17.20
N SER A 123 13.01 24.70 16.10
CA SER A 123 11.69 24.08 16.12
C SER A 123 11.62 23.01 15.04
N LEU A 124 10.99 21.88 15.38
CA LEU A 124 10.90 20.73 14.47
C LEU A 124 9.44 20.43 14.13
N THR A 125 9.17 20.23 12.85
CA THR A 125 7.90 19.72 12.36
C THR A 125 8.20 18.70 11.28
N HIS A 126 7.48 17.58 11.33
CA HIS A 126 7.77 16.45 10.46
C HIS A 126 7.11 16.66 9.10
N MET A 127 7.91 16.64 8.04
CA MET A 127 7.41 16.77 6.67
C MET A 127 8.17 15.81 5.76
N THR A 128 7.56 15.49 4.63
CA THR A 128 8.15 14.58 3.66
C THR A 128 9.11 15.31 2.74
N LYS A 129 9.86 14.53 1.95
CA LYS A 129 10.84 15.10 1.02
C LYS A 129 10.21 16.12 0.08
N ASP A 130 8.93 15.98 -0.23
CA ASP A 130 8.22 16.90 -1.09
C ASP A 130 7.58 18.03 -0.30
N GLU A 131 6.96 17.68 0.83
CA GLU A 131 6.46 18.69 1.76
C GLU A 131 7.57 19.64 2.19
N GLN A 132 8.82 19.14 2.24
CA GLN A 132 9.93 20.00 2.62
C GLN A 132 10.25 21.02 1.54
N VAL A 133 10.12 20.65 0.25
CA VAL A 133 10.37 21.67 -0.77
C VAL A 133 9.22 22.67 -0.80
N GLU A 134 7.98 22.23 -0.60
CA GLU A 134 6.89 23.21 -0.48
C GLU A 134 7.10 24.14 0.71
N GLY A 135 7.61 23.60 1.82
CA GLY A 135 7.87 24.45 2.97
C GLY A 135 9.02 25.42 2.75
N LEU A 136 10.10 24.95 2.11
CA LEU A 136 11.22 25.83 1.85
C LEU A 136 10.83 26.95 0.90
N LEU A 137 9.90 26.68 -0.02
CA LEU A 137 9.44 27.75 -0.91
C LEU A 137 8.58 28.76 -0.16
N ALA A 138 7.46 28.30 0.42
CA ALA A 138 6.47 29.20 0.99
C ALA A 138 6.97 29.97 2.20
N GLY A 139 8.14 29.64 2.73
CA GLY A 139 8.63 30.28 3.93
C GLY A 139 8.20 29.64 5.22
N THR A 140 7.66 28.41 5.16
CA THR A 140 7.29 27.71 6.39
C THR A 140 8.53 27.33 7.19
N ILE A 141 9.52 26.74 6.52
CA ILE A 141 10.71 26.21 7.17
C ILE A 141 11.94 26.80 6.52
N HIS A 142 13.03 26.88 7.28
CA HIS A 142 14.28 27.36 6.71
C HIS A 142 15.07 26.23 6.05
N VAL A 143 15.10 25.06 6.69
CA VAL A 143 15.92 23.95 6.23
C VAL A 143 15.20 22.65 6.53
N GLY A 144 15.30 21.70 5.59
CA GLY A 144 14.76 20.36 5.76
C GLY A 144 15.90 19.36 5.76
N PHE A 145 15.68 18.23 6.43
CA PHE A 145 16.71 17.22 6.62
C PHE A 145 16.16 15.83 6.24
N SER A 146 16.86 15.13 5.41
CA SER A 146 16.51 13.70 5.17
C SER A 146 17.69 13.00 4.53
N ARG A 147 17.38 12.00 3.69
CA ARG A 147 18.38 11.16 3.04
C ARG A 147 18.51 11.44 1.55
N PHE A 148 17.51 11.07 0.75
CA PHE A 148 17.67 11.01 -0.70
C PHE A 148 16.75 12.05 -1.32
N PHE A 149 17.30 13.20 -1.66
CA PHE A 149 16.52 14.30 -2.20
C PHE A 149 16.68 14.39 -3.71
N PRO A 150 15.59 14.47 -4.48
CA PRO A 150 15.72 14.84 -5.89
C PRO A 150 16.00 16.34 -6.02
N ARG A 151 16.86 16.69 -6.98
CA ARG A 151 17.18 18.09 -7.21
C ARG A 151 15.94 18.87 -7.62
N HIS A 152 15.91 20.18 -7.28
CA HIS A 152 14.73 20.99 -7.56
C HIS A 152 15.20 22.42 -7.73
N PRO A 153 14.76 23.15 -8.76
CA PRO A 153 15.37 24.46 -9.05
C PRO A 153 15.21 25.44 -7.90
N GLY A 154 16.30 26.15 -7.60
CA GLY A 154 16.34 27.09 -6.50
C GLY A 154 16.69 26.47 -5.16
N ILE A 155 16.36 25.20 -4.95
CA ILE A 155 16.71 24.50 -3.74
C ILE A 155 18.12 23.94 -3.86
N GLU A 156 18.89 24.04 -2.78
CA GLU A 156 20.25 23.52 -2.74
C GLU A 156 20.32 22.36 -1.77
N ILE A 157 21.10 21.33 -2.13
CA ILE A 157 21.29 20.14 -1.30
C ILE A 157 22.75 20.09 -0.92
N VAL A 158 23.02 19.89 0.37
CA VAL A 158 24.37 19.64 0.85
C VAL A 158 24.31 18.45 1.81
N ASN A 159 25.06 17.40 1.48
CA ASN A 159 25.13 16.25 2.35
C ASN A 159 26.26 16.45 3.35
N ILE A 160 25.92 16.39 4.64
CA ILE A 160 26.92 16.64 5.68
C ILE A 160 27.92 15.50 5.73
N ALA A 161 27.43 14.28 5.92
CA ALA A 161 28.30 13.12 6.02
C ALA A 161 27.54 11.89 5.55
N GLN A 162 28.22 10.75 5.60
CA GLN A 162 27.66 9.47 5.19
C GLN A 162 27.71 8.50 6.36
N GLU A 163 26.71 7.62 6.42
CA GLU A 163 26.50 6.67 7.49
C GLU A 163 26.62 5.25 6.96
N ASP A 164 27.18 4.38 7.79
CA ASP A 164 27.17 2.95 7.50
C ASP A 164 25.78 2.37 7.69
N LEU A 165 25.57 1.20 7.10
CA LEU A 165 24.32 0.46 7.28
C LEU A 165 24.57 -0.75 8.17
N TYR A 166 23.54 -1.15 8.91
CA TYR A 166 23.62 -2.25 9.86
C TYR A 166 22.42 -3.16 9.70
N LEU A 167 22.68 -4.46 9.59
CA LEU A 167 21.61 -5.43 9.73
C LEU A 167 21.17 -5.47 11.19
N ALA A 168 19.86 -5.56 11.39
CA ALA A 168 19.24 -5.57 12.73
C ALA A 168 18.40 -6.84 12.85
N VAL A 169 18.89 -7.80 13.65
CA VAL A 169 18.20 -9.07 13.82
C VAL A 169 18.10 -9.38 15.31
N HIS A 170 17.14 -10.23 15.65
CA HIS A 170 16.88 -10.57 17.04
C HIS A 170 18.14 -11.17 17.69
N ARG A 171 18.24 -10.99 19.01
CA ARG A 171 19.41 -11.43 19.75
C ARG A 171 19.57 -12.96 19.72
N SER A 172 18.50 -13.69 19.42
CA SER A 172 18.63 -15.14 19.24
C SER A 172 19.33 -15.46 17.92
N GLN A 173 18.95 -14.79 16.85
CA GLN A 173 19.59 -15.02 15.56
C GLN A 173 20.79 -14.07 15.40
N SER A 174 21.49 -13.80 16.50
CA SER A 174 22.58 -12.83 16.50
C SER A 174 23.92 -13.46 16.11
N GLY A 175 24.25 -14.60 16.72
CA GLY A 175 25.51 -15.26 16.41
C GLY A 175 25.59 -15.81 15.01
N LYS A 176 24.50 -15.75 14.25
CA LYS A 176 24.50 -16.29 12.89
C LYS A 176 25.29 -15.38 11.95
N PHE A 177 25.14 -14.06 12.11
CA PHE A 177 25.73 -13.10 11.19
C PHE A 177 27.08 -12.56 11.65
N GLY A 178 27.28 -12.40 12.96
CA GLY A 178 28.55 -11.98 13.49
C GLY A 178 28.66 -10.48 13.70
N LYS A 179 29.91 -10.01 13.74
CA LYS A 179 30.18 -8.59 13.93
C LYS A 179 29.95 -7.78 12.66
N THR A 180 30.22 -8.37 11.50
CA THR A 180 29.98 -7.70 10.23
C THR A 180 29.53 -8.74 9.22
N CYS A 181 28.78 -8.28 8.21
CA CYS A 181 28.27 -9.16 7.18
C CYS A 181 28.19 -8.42 5.86
N LYS A 182 28.38 -9.15 4.77
CA LYS A 182 28.24 -8.57 3.45
C LYS A 182 26.79 -8.66 2.99
N LEU A 183 26.46 -7.91 1.93
CA LEU A 183 25.13 -7.99 1.35
C LEU A 183 24.85 -9.38 0.82
N ALA A 184 25.86 -10.02 0.22
CA ALA A 184 25.68 -11.36 -0.34
C ALA A 184 25.33 -12.39 0.71
N ASP A 185 25.61 -12.11 1.99
CA ASP A 185 25.17 -12.96 3.07
C ASP A 185 23.65 -12.90 3.28
N LEU A 186 22.97 -11.95 2.64
CA LEU A 186 21.60 -11.61 2.97
C LEU A 186 20.60 -12.07 1.90
N ARG A 187 21.02 -12.94 0.99
CA ARG A 187 20.17 -13.35 -0.12
C ARG A 187 18.93 -14.10 0.31
N ALA A 188 18.87 -14.57 1.56
CA ALA A 188 17.75 -15.36 2.05
C ALA A 188 17.32 -14.90 3.44
N VAL A 189 17.31 -13.59 3.66
CA VAL A 189 16.94 -13.01 4.95
C VAL A 189 15.62 -12.28 4.77
N GLU A 190 14.69 -12.49 5.68
CA GLU A 190 13.37 -11.85 5.65
C GLU A 190 13.52 -10.41 6.13
N LEU A 191 13.66 -9.49 5.20
CA LEU A 191 13.84 -8.08 5.52
C LEU A 191 12.50 -7.38 5.65
N THR A 192 12.28 -6.74 6.80
CA THR A 192 11.18 -5.80 7.00
C THR A 192 11.74 -4.39 6.92
N LEU A 193 11.34 -3.66 5.87
CA LEU A 193 11.90 -2.35 5.60
C LEU A 193 10.92 -1.25 5.97
N PHE A 194 11.20 -0.03 5.46
CA PHE A 194 10.57 1.22 5.85
C PHE A 194 11.28 2.35 5.12
N PRO A 195 10.68 3.55 5.02
CA PRO A 195 9.35 3.91 5.51
C PRO A 195 8.27 3.72 4.45
N ARG A 196 7.13 3.18 4.85
CA ARG A 196 6.04 2.93 3.92
C ARG A 196 5.30 4.23 3.61
N GLY A 197 5.31 4.63 2.35
CA GLY A 197 4.44 5.70 1.90
C GLY A 197 5.02 7.10 1.90
N GLY A 198 6.29 7.26 2.27
CA GLY A 198 6.88 8.58 2.26
C GLY A 198 7.56 8.93 0.94
N ARG A 199 6.92 8.62 -0.21
CA ARG A 199 7.52 8.76 -1.53
C ARG A 199 8.71 7.80 -1.59
N PRO A 200 9.55 7.81 -2.64
CA PRO A 200 10.80 7.04 -2.55
C PRO A 200 11.68 7.53 -1.41
N SER A 201 12.02 6.62 -0.51
CA SER A 201 12.93 6.94 0.58
C SER A 201 13.84 5.76 0.87
N PHE A 202 14.03 5.44 2.15
CA PHE A 202 15.01 4.44 2.59
C PHE A 202 14.86 3.08 1.93
N ALA A 203 13.72 2.42 2.15
CA ALA A 203 13.55 1.05 1.66
C ALA A 203 13.86 0.94 0.18
N ASP A 204 13.52 1.98 -0.59
CA ASP A 204 13.82 1.97 -2.02
C ASP A 204 15.32 2.03 -2.26
N GLU A 205 16.05 2.80 -1.45
CA GLU A 205 17.51 2.79 -1.54
C GLU A 205 18.10 1.44 -1.15
N VAL A 206 17.50 0.77 -0.15
CA VAL A 206 18.03 -0.53 0.26
C VAL A 206 17.85 -1.54 -0.87
N ILE A 207 16.68 -1.52 -1.50
CA ILE A 207 16.44 -2.36 -2.66
C ILE A 207 17.39 -1.97 -3.80
N GLY A 208 17.67 -0.67 -3.95
CA GLY A 208 18.60 -0.26 -4.98
C GLY A 208 20.01 -0.75 -4.72
N LEU A 209 20.45 -0.69 -3.47
CA LEU A 209 21.76 -1.22 -3.09
C LEU A 209 21.84 -2.73 -3.29
N PHE A 210 20.74 -3.44 -3.06
CA PHE A 210 20.73 -4.87 -3.33
C PHE A 210 20.77 -5.14 -4.84
N LYS A 211 19.92 -4.44 -5.60
CA LYS A 211 19.82 -4.65 -7.04
C LYS A 211 21.11 -4.23 -7.74
N HIS A 212 21.88 -3.33 -7.14
CA HIS A 212 23.14 -2.89 -7.71
C HIS A 212 24.22 -3.95 -7.59
N ALA A 213 24.08 -4.87 -6.64
CA ALA A 213 25.01 -5.97 -6.45
C ALA A 213 24.48 -7.28 -7.01
N GLY A 214 23.53 -7.21 -7.94
CA GLY A 214 22.97 -8.40 -8.56
C GLY A 214 22.11 -9.26 -7.67
N ILE A 215 21.64 -8.74 -6.54
CA ILE A 215 20.85 -9.50 -5.58
C ILE A 215 19.45 -8.90 -5.53
N GLU A 216 18.48 -9.60 -6.09
CA GLU A 216 17.10 -9.21 -5.88
C GLU A 216 16.70 -9.71 -4.50
N PRO A 217 16.41 -8.82 -3.56
CA PRO A 217 16.34 -9.22 -2.15
C PRO A 217 14.98 -9.80 -1.77
N ARG A 218 15.03 -10.72 -0.80
CA ARG A 218 13.82 -11.31 -0.23
C ARG A 218 13.29 -10.34 0.83
N ILE A 219 12.22 -9.63 0.49
CA ILE A 219 11.66 -8.61 1.37
C ILE A 219 10.24 -9.02 1.71
N ALA A 220 9.94 -9.05 3.01
CA ALA A 220 8.66 -9.56 3.47
C ALA A 220 7.70 -8.47 3.92
N ARG A 221 8.21 -7.35 4.39
CA ARG A 221 7.36 -6.33 5.00
C ARG A 221 8.00 -4.96 4.84
N VAL A 222 7.15 -3.94 4.76
CA VAL A 222 7.54 -2.54 4.95
C VAL A 222 6.51 -1.90 5.86
N VAL A 223 6.98 -1.40 7.01
CA VAL A 223 6.07 -0.90 8.03
C VAL A 223 6.27 0.60 8.19
N GLU A 224 5.57 1.19 9.16
CA GLU A 224 5.42 2.64 9.27
C GLU A 224 6.76 3.39 9.19
N ASP A 225 7.59 3.27 10.21
CA ASP A 225 8.89 3.94 10.23
C ASP A 225 9.93 2.95 10.73
N ALA A 226 11.07 3.48 11.17
CA ALA A 226 12.14 2.63 11.70
C ALA A 226 11.72 1.95 12.98
N THR A 227 10.95 2.65 13.83
CA THR A 227 10.58 2.10 15.13
C THR A 227 9.68 0.89 15.00
N ALA A 228 8.79 0.88 14.00
CA ALA A 228 7.93 -0.28 13.79
C ALA A 228 8.73 -1.49 13.32
N ALA A 229 9.68 -1.28 12.40
CA ALA A 229 10.51 -2.39 11.95
C ALA A 229 11.35 -2.95 13.09
N LEU A 230 11.93 -2.06 13.89
CA LEU A 230 12.72 -2.55 15.01
C LEU A 230 11.84 -3.10 16.12
N ALA A 231 10.55 -2.76 16.14
CA ALA A 231 9.63 -3.38 17.08
C ALA A 231 9.24 -4.78 16.64
N LEU A 232 9.12 -5.00 15.34
CA LEU A 232 8.96 -6.36 14.85
C LEU A 232 10.24 -7.17 14.97
N THR A 233 11.39 -6.51 14.97
CA THR A 233 12.64 -7.22 15.26
C THR A 233 12.72 -7.60 16.74
N MET A 234 12.51 -6.62 17.62
CA MET A 234 12.50 -6.86 19.06
C MET A 234 11.52 -7.95 19.43
N ALA A 235 10.41 -8.06 18.70
CA ALA A 235 9.40 -9.07 18.93
C ALA A 235 9.76 -10.43 18.34
N GLY A 236 10.98 -10.58 17.82
CA GLY A 236 11.38 -11.84 17.21
C GLY A 236 10.53 -12.24 16.03
N ALA A 237 10.08 -11.28 15.24
CA ALA A 237 9.24 -11.54 14.08
C ALA A 237 9.95 -11.38 12.75
N ALA A 238 10.84 -10.39 12.62
CA ALA A 238 11.55 -10.20 11.37
C ALA A 238 12.79 -9.36 11.61
N SER A 239 13.74 -9.48 10.67
CA SER A 239 14.96 -8.71 10.69
C SER A 239 14.89 -7.57 9.69
N SER A 240 15.69 -6.53 9.92
CA SER A 240 15.62 -5.30 9.15
C SER A 240 17.02 -4.79 8.85
N ILE A 241 17.09 -3.64 8.19
CA ILE A 241 18.32 -2.93 7.93
C ILE A 241 18.13 -1.47 8.32
N VAL A 242 19.00 -0.95 9.19
CA VAL A 242 18.94 0.42 9.67
C VAL A 242 20.22 1.14 9.27
N PRO A 243 20.30 2.46 9.33
CA PRO A 243 21.59 3.13 9.27
C PRO A 243 22.15 3.32 10.68
N ALA A 244 23.42 3.71 10.73
CA ALA A 244 24.16 3.71 11.99
C ALA A 244 23.52 4.64 13.03
N SER A 245 22.81 5.67 12.59
CA SER A 245 22.16 6.58 13.54
C SER A 245 21.25 5.82 14.48
N VAL A 246 20.42 4.93 13.95
CA VAL A 246 19.54 4.12 14.79
C VAL A 246 20.32 3.01 15.49
N ALA A 247 21.26 2.37 14.79
CA ALA A 247 22.00 1.27 15.41
C ALA A 247 22.78 1.72 16.64
N ALA A 248 23.10 3.01 16.73
CA ALA A 248 23.83 3.57 17.87
C ALA A 248 22.90 4.03 18.99
N ILE A 249 21.69 3.47 19.07
CA ILE A 249 20.74 3.82 20.12
C ILE A 249 20.54 2.66 21.10
N ARG A 250 21.21 1.54 20.88
CA ARG A 250 21.21 0.42 21.81
C ARG A 250 19.79 -0.05 22.12
N TRP A 251 19.17 -0.62 21.08
CA TRP A 251 17.79 -1.10 21.25
C TRP A 251 17.79 -2.45 21.96
N PRO A 252 16.88 -2.64 22.92
CA PRO A 252 16.85 -3.90 23.67
C PRO A 252 16.47 -5.06 22.78
N ASP A 253 17.17 -6.18 22.99
CA ASP A 253 16.93 -7.48 22.35
C ASP A 253 17.26 -7.49 20.86
N ILE A 254 17.79 -6.40 20.32
CA ILE A 254 18.16 -6.32 18.90
C ILE A 254 19.67 -6.25 18.80
N ALA A 255 20.24 -7.05 17.90
CA ALA A 255 21.68 -7.05 17.63
C ALA A 255 21.92 -6.56 16.21
N PHE A 256 22.96 -5.73 16.05
CA PHE A 256 23.29 -5.11 14.78
C PHE A 256 24.65 -5.58 14.30
N ALA A 257 24.75 -5.81 12.99
CA ALA A 257 26.00 -6.21 12.35
C ALA A 257 26.25 -5.27 11.17
N ARG A 258 27.43 -4.65 11.15
CA ARG A 258 27.74 -3.67 10.11
C ARG A 258 27.75 -4.33 8.74
N ILE A 259 26.84 -3.91 7.87
CA ILE A 259 26.83 -4.38 6.49
C ILE A 259 28.03 -3.78 5.78
N VAL A 260 29.03 -4.60 5.51
CA VAL A 260 30.27 -4.16 4.89
C VAL A 260 30.14 -4.30 3.38
N GLY A 261 30.81 -3.41 2.66
CA GLY A 261 30.75 -3.41 1.22
C GLY A 261 31.28 -2.10 0.66
N THR A 262 31.20 -1.99 -0.66
CA THR A 262 31.72 -0.81 -1.34
C THR A 262 30.72 0.36 -1.29
N ARG A 263 29.59 0.22 -1.98
CA ARG A 263 28.61 1.30 -2.05
C ARG A 263 27.55 1.20 -0.95
N VAL A 264 27.91 0.65 0.21
CA VAL A 264 26.92 0.49 1.28
C VAL A 264 27.09 1.63 2.29
N LYS A 265 26.51 2.78 1.96
CA LYS A 265 26.46 3.94 2.84
C LYS A 265 25.34 4.87 2.40
N VAL A 266 24.74 5.56 3.35
CA VAL A 266 23.64 6.48 3.06
C VAL A 266 23.93 7.86 3.64
N PRO A 267 23.63 8.95 2.94
CA PRO A 267 24.04 10.27 3.40
C PRO A 267 23.00 10.93 4.30
N ILE A 268 23.46 11.98 4.99
CA ILE A 268 22.59 12.89 5.73
C ILE A 268 22.62 14.21 4.98
N SER A 269 21.51 14.59 4.37
CA SER A 269 21.51 15.79 3.55
C SER A 269 20.42 16.75 4.01
N CYS A 270 20.63 18.03 3.73
CA CYS A 270 19.66 19.06 4.06
C CYS A 270 19.44 19.96 2.85
N ILE A 271 18.32 20.67 2.88
CA ILE A 271 17.85 21.47 1.75
C ILE A 271 17.31 22.80 2.26
N PHE A 272 17.58 23.86 1.50
CA PHE A 272 17.15 25.21 1.85
C PHE A 272 16.99 26.01 0.56
N ARG A 273 16.32 27.16 0.67
CA ARG A 273 16.14 28.04 -0.48
C ARG A 273 17.32 28.99 -0.61
N LYS A 274 17.90 29.06 -1.80
CA LYS A 274 19.04 29.94 -2.04
C LYS A 274 18.64 31.36 -2.42
N GLU A 275 17.35 31.63 -2.60
CA GLU A 275 16.90 32.93 -3.07
C GLU A 275 17.04 33.99 -1.97
N LYS A 276 16.10 33.99 -1.03
CA LYS A 276 16.09 34.93 0.09
C LYS A 276 16.40 34.14 1.35
N GLN A 277 17.66 34.19 1.78
CA GLN A 277 18.11 33.43 2.95
C GLN A 277 18.07 34.31 4.18
N PRO A 278 17.14 34.10 5.10
CA PRO A 278 17.13 34.90 6.34
C PRO A 278 18.43 34.71 7.11
N PRO A 279 18.80 35.67 7.96
CA PRO A 279 20.13 35.61 8.59
C PRO A 279 20.36 34.37 9.43
N ILE A 280 19.33 33.89 10.14
CA ILE A 280 19.47 32.65 10.92
C ILE A 280 19.76 31.48 10.00
N LEU A 281 19.12 31.44 8.83
CA LEU A 281 19.37 30.37 7.88
C LEU A 281 20.80 30.44 7.35
N ALA A 282 21.30 31.66 7.12
CA ALA A 282 22.67 31.82 6.64
C ALA A 282 23.68 31.37 7.69
N ARG A 283 23.45 31.74 8.95
CA ARG A 283 24.33 31.26 10.03
C ARG A 283 24.30 29.75 10.13
N PHE A 284 23.11 29.14 10.06
CA PHE A 284 23.02 27.69 10.16
C PHE A 284 23.66 27.00 8.95
N VAL A 285 23.57 27.61 7.76
CA VAL A 285 24.20 27.03 6.58
C VAL A 285 25.72 27.15 6.67
N GLU A 286 26.21 28.26 7.20
CA GLU A 286 27.64 28.40 7.43
C GLU A 286 28.13 27.34 8.43
N HIS A 287 27.32 27.03 9.44
CA HIS A 287 27.67 25.96 10.38
C HIS A 287 27.65 24.60 9.70
N VAL A 288 26.64 24.34 8.86
CA VAL A 288 26.51 23.04 8.21
C VAL A 288 27.69 22.81 7.27
N ARG A 289 28.01 23.80 6.44
CA ARG A 289 29.18 23.70 5.57
C ARG A 289 30.46 23.59 6.38
N ARG A 290 30.58 24.39 7.45
CA ARG A 290 31.71 24.28 8.36
C ARG A 290 31.83 22.89 8.95
N SER A 291 30.75 22.11 8.93
CA SER A 291 30.75 20.72 9.38
C SER A 291 30.58 19.74 8.23
N ALA A 292 30.86 20.17 7.00
CA ALA A 292 30.87 19.24 5.87
C ALA A 292 32.01 18.23 6.03
N LYS A 293 33.19 18.71 6.38
CA LYS A 293 34.34 17.86 6.70
C LYS A 293 34.55 17.89 8.20
N ASP A 294 34.17 16.82 8.88
CA ASP A 294 34.31 16.72 10.33
C ASP A 294 34.20 15.27 10.80
N MET B 1 -3.41 39.11 19.81
CA MET B 1 -3.38 39.75 18.50
C MET B 1 -4.69 39.54 17.75
N GLU B 2 -5.11 40.54 16.98
CA GLU B 2 -6.27 40.43 16.11
C GLU B 2 -6.00 41.16 14.81
N PHE B 3 -6.99 41.11 13.91
CA PHE B 3 -6.78 41.58 12.53
C PHE B 3 -6.66 43.09 12.45
N ARG B 4 -7.47 43.81 13.23
CA ARG B 4 -7.52 45.27 13.13
C ARG B 4 -6.15 45.89 13.42
N GLN B 5 -5.40 45.29 14.34
CA GLN B 5 -4.10 45.84 14.72
C GLN B 5 -3.06 45.69 13.62
N LEU B 6 -3.24 44.74 12.71
CA LEU B 6 -2.27 44.54 11.64
C LEU B 6 -2.52 45.52 10.48
N LYS B 7 -3.78 45.70 10.10
CA LYS B 7 -4.08 46.67 9.04
C LYS B 7 -3.78 48.09 9.50
N TYR B 8 -4.09 48.41 10.76
CA TYR B 8 -3.66 49.68 11.33
C TYR B 8 -2.15 49.86 11.20
N PHE B 9 -1.39 48.89 11.69
CA PHE B 9 0.07 49.00 11.70
C PHE B 9 0.62 49.21 10.30
N ILE B 10 0.03 48.55 9.31
CA ILE B 10 0.48 48.75 7.93
C ILE B 10 0.09 50.13 7.43
N ALA B 11 -1.13 50.57 7.77
CA ALA B 11 -1.58 51.90 7.37
C ALA B 11 -0.75 52.98 8.06
N VAL B 12 -0.49 52.82 9.35
CA VAL B 12 0.36 53.78 10.06
C VAL B 12 1.77 53.78 9.47
N ALA B 13 2.24 52.61 9.01
CA ALA B 13 3.56 52.54 8.39
C ALA B 13 3.58 53.27 7.05
N GLU B 14 2.57 53.04 6.22
CA GLU B 14 2.55 53.67 4.89
C GLU B 14 2.26 55.16 4.98
N ALA B 15 1.49 55.60 5.97
CA ALA B 15 1.14 57.01 6.10
C ALA B 15 2.13 57.81 6.94
N GLY B 16 3.00 57.14 7.70
CA GLY B 16 4.00 57.82 8.48
C GLY B 16 3.50 58.59 9.69
N ASN B 17 2.20 58.56 9.96
CA ASN B 17 1.64 59.27 11.10
C ASN B 17 0.39 58.56 11.57
N MET B 18 0.14 58.63 12.89
CA MET B 18 -1.04 58.02 13.49
C MET B 18 -2.32 58.82 13.25
N ALA B 19 -2.29 59.79 12.33
CA ALA B 19 -3.47 60.57 11.99
C ALA B 19 -3.66 60.61 10.49
N ALA B 20 -2.56 60.65 9.74
CA ALA B 20 -2.65 60.55 8.28
C ALA B 20 -3.24 59.22 7.85
N ALA B 21 -2.95 58.15 8.60
CA ALA B 21 -3.61 56.88 8.34
C ALA B 21 -5.01 56.83 8.92
N ALA B 22 -5.25 57.57 10.01
CA ALA B 22 -6.59 57.62 10.60
C ALA B 22 -7.63 58.12 9.60
N LYS B 23 -7.22 58.98 8.66
CA LYS B 23 -8.08 59.36 7.56
C LYS B 23 -8.00 58.38 6.39
N ARG B 24 -6.85 57.71 6.23
CA ARG B 24 -6.73 56.69 5.20
C ARG B 24 -7.65 55.49 5.45
N LEU B 25 -8.19 55.36 6.66
CA LEU B 25 -9.15 54.32 6.99
C LEU B 25 -10.45 54.86 7.56
N HIS B 26 -10.56 56.17 7.78
CA HIS B 26 -11.79 56.84 8.21
C HIS B 26 -12.22 56.44 9.62
N VAL B 27 -11.38 56.75 10.60
CA VAL B 27 -11.73 56.60 12.02
C VAL B 27 -10.88 57.58 12.80
N SER B 28 -11.38 57.98 13.97
CA SER B 28 -10.69 59.00 14.76
C SER B 28 -9.33 58.47 15.25
N GLN B 29 -8.53 59.39 15.74
CA GLN B 29 -7.17 59.12 16.20
C GLN B 29 -7.07 58.29 17.48
N PRO B 30 -7.97 58.44 18.47
CA PRO B 30 -7.83 57.67 19.72
C PRO B 30 -7.81 56.17 19.48
N PRO B 31 -8.69 55.60 18.64
CA PRO B 31 -8.60 54.16 18.39
C PRO B 31 -7.32 53.74 17.69
N ILE B 32 -6.77 54.58 16.81
CA ILE B 32 -5.47 54.28 16.19
C ILE B 32 -4.44 54.00 17.28
N THR B 33 -4.28 54.95 18.20
CA THR B 33 -3.39 54.78 19.33
C THR B 33 -3.92 53.82 20.38
N ARG B 34 -5.19 53.43 20.31
CA ARG B 34 -5.71 52.48 21.29
C ARG B 34 -5.34 51.05 20.95
N GLN B 35 -5.23 50.74 19.65
CA GLN B 35 -4.98 49.37 19.22
C GLN B 35 -3.50 49.07 18.99
N MET B 36 -2.73 49.98 18.38
CA MET B 36 -1.30 49.72 18.26
C MET B 36 -0.61 49.76 19.61
N GLN B 37 -1.07 50.60 20.53
CA GLN B 37 -0.59 50.49 21.90
C GLN B 37 -0.96 49.15 22.50
N ALA B 38 -2.11 48.60 22.12
CA ALA B 38 -2.49 47.25 22.52
C ALA B 38 -1.83 46.20 21.65
N LEU B 39 -1.47 46.54 20.41
CA LEU B 39 -0.73 45.59 19.58
C LEU B 39 0.66 45.33 20.16
N GLU B 40 1.33 46.38 20.63
CA GLU B 40 2.65 46.26 21.23
C GLU B 40 2.62 45.60 22.60
N ALA B 41 1.44 45.13 23.04
CA ALA B 41 1.30 44.28 24.21
C ALA B 41 0.96 42.84 23.86
N ASP B 42 0.21 42.61 22.79
CA ASP B 42 0.03 41.26 22.28
C ASP B 42 1.33 40.67 21.76
N LEU B 43 2.34 41.51 21.51
CA LEU B 43 3.66 41.08 21.07
C LEU B 43 4.68 41.15 22.20
N GLY B 44 4.84 42.32 22.81
CA GLY B 44 5.79 42.53 23.89
C GLY B 44 6.86 43.55 23.59
N VAL B 45 7.06 43.90 22.33
CA VAL B 45 8.11 44.82 21.94
C VAL B 45 7.51 46.20 21.70
N VAL B 46 8.37 47.18 21.44
CA VAL B 46 7.96 48.52 21.07
C VAL B 46 8.22 48.66 19.57
N LEU B 47 7.18 48.43 18.78
CA LEU B 47 7.31 48.51 17.32
C LEU B 47 7.60 49.94 16.89
N LEU B 48 6.68 50.85 17.15
CA LEU B 48 6.86 52.26 16.88
C LEU B 48 7.03 53.01 18.20
N GLU B 49 7.51 54.24 18.09
CA GLU B 49 7.68 55.08 19.27
C GLU B 49 7.51 56.54 18.85
N ARG B 50 7.14 57.37 19.82
CA ARG B 50 6.79 58.78 19.60
C ARG B 50 7.79 59.51 18.70
N ALA B 60 12.20 46.96 16.50
CA ALA B 60 11.56 45.70 16.15
C ALA B 60 10.37 45.96 15.23
N GLY B 61 10.04 47.24 15.05
CA GLY B 61 8.92 47.59 14.20
C GLY B 61 9.12 47.18 12.76
N HIS B 62 10.36 47.22 12.28
CA HIS B 62 10.66 46.70 10.94
C HIS B 62 10.53 45.20 10.88
N ALA B 63 10.75 44.50 12.00
CA ALA B 63 10.70 43.05 12.00
C ALA B 63 9.26 42.53 11.92
N PHE B 64 8.34 43.17 12.62
CA PHE B 64 6.95 42.71 12.62
C PHE B 64 6.18 43.19 11.40
N LEU B 65 6.69 44.20 10.69
CA LEU B 65 6.01 44.64 9.47
C LEU B 65 6.16 43.64 8.35
N GLU B 66 7.36 43.07 8.18
CA GLU B 66 7.57 42.07 7.15
C GLU B 66 6.67 40.86 7.33
N ASP B 67 6.17 40.63 8.54
CA ASP B 67 5.27 39.52 8.80
C ASP B 67 3.81 39.91 8.66
N ALA B 68 3.44 41.10 9.14
CA ALA B 68 2.05 41.53 9.13
C ALA B 68 1.49 41.61 7.72
N ARG B 69 2.26 42.18 6.78
CA ARG B 69 1.81 42.19 5.39
C ARG B 69 1.77 40.79 4.80
N ARG B 70 2.48 39.83 5.39
CA ARG B 70 2.42 38.45 4.94
C ARG B 70 1.33 37.65 5.66
N ILE B 71 0.81 38.14 6.78
CA ILE B 71 -0.29 37.47 7.45
C ILE B 71 -1.62 37.78 6.75
N LEU B 72 -1.81 39.03 6.35
CA LEU B 72 -3.02 39.40 5.63
C LEU B 72 -3.00 38.94 4.18
N GLU B 73 -1.81 38.81 3.59
CA GLU B 73 -1.72 38.40 2.19
C GLU B 73 -2.28 36.99 2.00
N LEU B 74 -1.85 36.05 2.86
CA LEU B 74 -2.40 34.70 2.80
C LEU B 74 -3.89 34.70 3.15
N ALA B 75 -4.32 35.62 4.02
CA ALA B 75 -5.72 35.67 4.42
C ALA B 75 -6.63 35.90 3.23
N GLY B 76 -6.30 36.87 2.38
CA GLY B 76 -7.10 37.10 1.19
C GLY B 76 -6.94 35.98 0.18
N ARG B 77 -5.71 35.50 -0.01
CA ARG B 77 -5.48 34.40 -0.95
C ARG B 77 -6.14 33.12 -0.46
N SER B 78 -6.20 32.92 0.85
CA SER B 78 -6.83 31.72 1.40
C SER B 78 -8.32 31.69 1.08
N GLY B 79 -8.99 32.84 1.22
CA GLY B 79 -10.40 32.91 0.88
C GLY B 79 -10.66 32.57 -0.58
N ASP B 80 -9.70 32.86 -1.47
CA ASP B 80 -9.87 32.56 -2.88
C ASP B 80 -9.61 31.09 -3.18
N ARG B 81 -8.90 30.38 -2.30
CA ARG B 81 -8.75 28.94 -2.42
C ARG B 81 -10.00 28.21 -1.94
N SER B 82 -10.44 28.54 -0.72
CA SER B 82 -11.59 27.87 -0.12
C SER B 82 -12.83 27.99 -1.01
N ARG B 83 -13.05 29.17 -1.60
CA ARG B 83 -14.20 29.35 -2.49
C ARG B 83 -14.02 28.57 -3.79
N ALA B 84 -12.86 28.71 -4.43
CA ALA B 84 -12.61 28.00 -5.68
C ALA B 84 -12.62 26.49 -5.47
N ALA B 85 -12.24 26.02 -4.28
CA ALA B 85 -12.36 24.61 -3.95
C ALA B 85 -13.81 24.16 -3.99
N ALA B 86 -14.72 24.98 -3.44
CA ALA B 86 -16.12 24.62 -3.48
C ALA B 86 -16.69 24.72 -4.90
N ARG B 87 -16.09 25.54 -5.76
CA ARG B 87 -16.51 25.60 -7.15
C ARG B 87 -15.97 24.43 -7.98
N GLY B 88 -15.24 23.51 -7.36
CA GLY B 88 -14.71 22.38 -8.10
C GLY B 88 -13.71 22.73 -9.18
N ASP B 89 -13.19 23.95 -9.17
CA ASP B 89 -12.17 24.33 -10.15
C ASP B 89 -10.81 23.73 -9.84
N VAL B 90 -10.58 23.37 -8.57
CA VAL B 90 -9.32 22.79 -8.14
C VAL B 90 -9.65 21.55 -7.31
N GLY B 91 -8.97 20.44 -7.59
CA GLY B 91 -9.19 19.25 -6.78
C GLY B 91 -8.81 17.95 -7.44
N GLU B 92 -8.45 16.98 -6.62
CA GLU B 92 -8.05 15.65 -7.08
C GLU B 92 -9.26 14.73 -7.13
N LEU B 93 -9.45 14.06 -8.27
CA LEU B 93 -10.56 13.13 -8.46
C LEU B 93 -10.05 11.71 -8.24
N SER B 94 -10.55 11.06 -7.19
CA SER B 94 -10.11 9.71 -6.84
C SER B 94 -10.92 8.72 -7.67
N VAL B 95 -10.41 8.39 -8.85
CA VAL B 95 -11.10 7.49 -9.76
C VAL B 95 -10.72 6.06 -9.41
N ALA B 96 -11.73 5.19 -9.33
CA ALA B 96 -11.53 3.75 -9.28
C ALA B 96 -12.05 3.14 -10.57
N TYR B 97 -11.47 2.01 -10.96
CA TYR B 97 -11.84 1.38 -12.22
C TYR B 97 -11.91 -0.13 -12.05
N PHE B 98 -12.43 -0.79 -13.08
CA PHE B 98 -12.39 -2.25 -13.16
C PHE B 98 -12.44 -2.66 -14.62
N GLY B 99 -11.34 -3.23 -15.12
CA GLY B 99 -11.39 -4.05 -16.31
C GLY B 99 -11.29 -3.33 -17.65
N THR B 100 -12.16 -3.74 -18.57
CA THR B 100 -11.96 -3.44 -19.99
C THR B 100 -11.93 -1.94 -20.32
N PRO B 101 -12.62 -1.02 -19.69
CA PRO B 101 -12.61 0.37 -20.15
C PRO B 101 -11.32 1.13 -19.89
N ILE B 102 -10.27 0.48 -19.37
CA ILE B 102 -8.99 1.17 -19.15
C ILE B 102 -8.22 1.32 -20.44
N TYR B 103 -8.35 0.35 -21.34
CA TYR B 103 -7.45 0.30 -22.50
C TYR B 103 -7.60 1.52 -23.39
N ARG B 104 -8.79 2.12 -23.44
CA ARG B 104 -8.99 3.30 -24.27
C ARG B 104 -10.12 4.18 -23.75
N SER B 105 -11.17 3.56 -23.22
CA SER B 105 -12.39 4.27 -22.86
C SER B 105 -12.13 5.27 -21.74
N LEU B 106 -11.86 4.79 -20.53
CA LEU B 106 -11.68 5.68 -19.39
C LEU B 106 -10.60 6.73 -19.57
N PRO B 107 -9.42 6.44 -20.14
CA PRO B 107 -8.42 7.51 -20.32
C PRO B 107 -8.92 8.71 -21.13
N LEU B 108 -9.71 8.47 -22.17
CA LEU B 108 -10.25 9.59 -22.95
C LEU B 108 -11.28 10.38 -22.16
N LEU B 109 -11.96 9.74 -21.21
CA LEU B 109 -12.96 10.47 -20.42
C LEU B 109 -12.30 11.41 -19.42
N LEU B 110 -11.17 10.99 -18.83
CA LEU B 110 -10.49 11.84 -17.87
C LEU B 110 -9.74 12.97 -18.55
N ARG B 111 -9.03 12.67 -19.65
CA ARG B 111 -8.35 13.72 -20.41
C ARG B 111 -9.34 14.74 -20.94
N ALA B 112 -10.54 14.30 -21.34
CA ALA B 112 -11.58 15.24 -21.72
C ALA B 112 -12.10 16.01 -20.51
N PHE B 113 -12.16 15.37 -19.34
CA PHE B 113 -12.55 16.08 -18.13
C PHE B 113 -11.45 17.02 -17.67
N LEU B 114 -10.19 16.64 -17.85
CA LEU B 114 -9.09 17.52 -17.47
C LEU B 114 -8.96 18.70 -18.43
N THR B 115 -9.36 18.53 -19.69
CA THR B 115 -9.50 19.70 -20.55
C THR B 115 -10.62 20.61 -20.03
N SER B 116 -11.70 20.02 -19.53
CA SER B 116 -12.79 20.80 -18.97
C SER B 116 -12.36 21.52 -17.70
N THR B 117 -11.59 20.86 -16.84
CA THR B 117 -11.14 21.43 -15.58
C THR B 117 -9.63 21.22 -15.51
N PRO B 118 -8.83 22.18 -16.00
CA PRO B 118 -7.39 21.93 -16.14
C PRO B 118 -6.64 21.81 -14.82
N THR B 119 -7.10 22.46 -13.76
CA THR B 119 -6.37 22.46 -12.50
C THR B 119 -6.56 21.16 -11.71
N ALA B 120 -7.56 20.36 -12.06
CA ALA B 120 -7.84 19.14 -11.34
C ALA B 120 -6.83 18.04 -11.68
N THR B 121 -6.61 17.15 -10.71
CA THR B 121 -5.77 15.97 -10.85
C THR B 121 -6.61 14.72 -10.59
N VAL B 122 -6.00 13.56 -10.79
CA VAL B 122 -6.68 12.28 -10.64
C VAL B 122 -5.76 11.28 -9.94
N SER B 123 -6.38 10.24 -9.38
CA SER B 123 -5.65 9.14 -8.73
C SER B 123 -6.38 7.84 -9.06
N LEU B 124 -5.71 6.95 -9.78
CA LEU B 124 -6.32 5.69 -10.18
C LEU B 124 -6.12 4.63 -9.10
N THR B 125 -7.22 3.96 -8.74
CA THR B 125 -7.20 2.90 -7.74
C THR B 125 -7.95 1.72 -8.31
N HIS B 126 -7.23 0.64 -8.60
CA HIS B 126 -7.88 -0.58 -9.05
C HIS B 126 -8.80 -1.16 -7.98
N MET B 127 -10.00 -1.53 -8.39
CA MET B 127 -11.01 -2.02 -7.46
C MET B 127 -12.03 -2.84 -8.23
N THR B 128 -12.51 -3.92 -7.61
CA THR B 128 -13.58 -4.67 -8.24
C THR B 128 -14.88 -3.88 -8.21
N LYS B 129 -15.84 -4.32 -9.03
CA LYS B 129 -17.16 -3.69 -9.07
C LYS B 129 -17.78 -3.57 -7.69
N ASP B 130 -17.37 -4.42 -6.75
CA ASP B 130 -17.93 -4.43 -5.41
C ASP B 130 -17.19 -3.47 -4.48
N GLU B 131 -15.87 -3.60 -4.41
CA GLU B 131 -15.07 -2.72 -3.55
C GLU B 131 -15.25 -1.25 -3.92
N GLN B 132 -15.73 -0.98 -5.15
CA GLN B 132 -16.16 0.37 -5.49
C GLN B 132 -17.36 0.79 -4.68
N VAL B 133 -18.36 -0.10 -4.57
CA VAL B 133 -19.60 0.24 -3.87
C VAL B 133 -19.30 0.58 -2.41
N GLU B 134 -18.52 -0.27 -1.74
CA GLU B 134 -18.05 0.08 -0.40
C GLU B 134 -17.22 1.35 -0.43
N GLY B 135 -16.31 1.45 -1.39
CA GLY B 135 -15.47 2.63 -1.50
C GLY B 135 -16.26 3.90 -1.78
N LEU B 136 -17.40 3.78 -2.47
CA LEU B 136 -18.22 4.95 -2.72
C LEU B 136 -19.11 5.25 -1.53
N LEU B 137 -19.75 4.23 -0.95
CA LEU B 137 -20.62 4.43 0.19
C LEU B 137 -19.87 4.94 1.41
N ALA B 138 -18.54 4.84 1.41
CA ALA B 138 -17.72 5.33 2.52
C ALA B 138 -17.09 6.68 2.20
N GLY B 139 -16.48 6.82 1.02
CA GLY B 139 -15.87 8.07 0.63
C GLY B 139 -14.40 7.95 0.28
N THR B 140 -13.93 6.72 0.10
CA THR B 140 -12.55 6.51 -0.32
C THR B 140 -12.35 6.94 -1.77
N ILE B 141 -13.28 6.57 -2.65
CA ILE B 141 -13.19 6.88 -4.07
C ILE B 141 -14.38 7.75 -4.46
N HIS B 142 -14.25 8.38 -5.63
CA HIS B 142 -15.27 9.27 -6.16
C HIS B 142 -16.16 8.61 -7.21
N VAL B 143 -15.55 7.99 -8.23
CA VAL B 143 -16.26 7.30 -9.29
C VAL B 143 -15.66 5.91 -9.45
N GLY B 144 -16.48 5.01 -9.96
CA GLY B 144 -16.03 3.66 -10.28
C GLY B 144 -16.44 3.24 -11.67
N PHE B 145 -15.46 2.92 -12.51
CA PHE B 145 -15.70 2.57 -13.90
C PHE B 145 -15.65 1.08 -14.13
N SER B 146 -16.70 0.55 -14.73
CA SER B 146 -16.73 -0.79 -15.31
C SER B 146 -17.89 -0.81 -16.30
N ARG B 147 -18.46 -1.98 -16.58
CA ARG B 147 -19.51 -2.08 -17.56
C ARG B 147 -20.86 -2.45 -16.94
N PHE B 148 -20.92 -3.57 -16.23
CA PHE B 148 -22.17 -4.15 -15.78
C PHE B 148 -22.27 -3.97 -14.28
N PHE B 149 -23.04 -2.95 -13.86
CA PHE B 149 -23.23 -2.66 -12.45
C PHE B 149 -24.65 -2.99 -12.01
N PRO B 150 -24.82 -3.74 -10.93
CA PRO B 150 -26.15 -3.91 -10.36
C PRO B 150 -26.51 -2.70 -9.51
N ARG B 151 -27.81 -2.42 -9.41
CA ARG B 151 -28.24 -1.27 -8.63
C ARG B 151 -27.97 -1.50 -7.14
N HIS B 152 -27.93 -0.38 -6.39
CA HIS B 152 -27.65 -0.44 -4.97
C HIS B 152 -28.35 0.76 -4.38
N PRO B 153 -29.07 0.63 -3.23
CA PRO B 153 -30.11 1.58 -2.84
C PRO B 153 -29.74 3.07 -2.92
N GLY B 154 -28.46 3.40 -2.89
CA GLY B 154 -28.07 4.81 -2.91
C GLY B 154 -26.98 5.18 -3.90
N ILE B 155 -26.77 4.36 -4.92
CA ILE B 155 -25.73 4.58 -5.91
C ILE B 155 -26.38 4.76 -7.27
N GLU B 156 -26.05 5.85 -7.96
CA GLU B 156 -26.59 6.15 -9.27
C GLU B 156 -25.60 5.74 -10.34
N ILE B 157 -26.10 5.09 -11.39
CA ILE B 157 -25.30 4.70 -12.55
C ILE B 157 -25.62 5.64 -13.70
N VAL B 158 -24.60 5.95 -14.49
CA VAL B 158 -24.76 6.79 -15.68
C VAL B 158 -24.18 6.03 -16.85
N ASN B 159 -25.06 5.50 -17.71
CA ASN B 159 -24.61 4.81 -18.92
C ASN B 159 -24.13 5.83 -19.93
N ILE B 160 -22.83 5.82 -20.22
CA ILE B 160 -22.25 6.86 -21.07
C ILE B 160 -22.49 6.54 -22.55
N ALA B 161 -21.98 5.41 -23.02
CA ALA B 161 -22.10 5.04 -24.42
C ALA B 161 -22.03 3.53 -24.54
N GLN B 162 -21.99 3.04 -25.78
CA GLN B 162 -21.93 1.61 -26.06
C GLN B 162 -20.73 1.30 -26.96
N GLU B 163 -20.08 0.18 -26.69
CA GLU B 163 -18.93 -0.28 -27.46
C GLU B 163 -19.28 -1.52 -28.26
N ASP B 164 -18.66 -1.66 -29.43
CA ASP B 164 -18.80 -2.88 -30.20
C ASP B 164 -17.90 -3.96 -29.63
N LEU B 165 -18.31 -5.22 -29.83
CA LEU B 165 -17.49 -6.36 -29.45
C LEU B 165 -16.74 -6.87 -30.68
N TYR B 166 -15.48 -7.20 -30.49
CA TYR B 166 -14.62 -7.63 -31.58
C TYR B 166 -14.04 -9.01 -31.30
N LEU B 167 -14.03 -9.85 -32.32
CA LEU B 167 -13.29 -11.11 -32.26
C LEU B 167 -11.82 -10.84 -32.47
N ALA B 168 -11.00 -11.41 -31.59
CA ALA B 168 -9.55 -11.41 -31.73
C ALA B 168 -9.09 -12.80 -32.14
N VAL B 169 -8.13 -12.85 -33.06
CA VAL B 169 -7.60 -14.11 -33.55
C VAL B 169 -6.18 -13.85 -34.06
N HIS B 170 -5.37 -14.91 -34.11
CA HIS B 170 -4.00 -14.79 -34.60
C HIS B 170 -4.00 -14.39 -36.07
N ARG B 171 -2.96 -13.64 -36.46
CA ARG B 171 -2.94 -13.07 -37.81
C ARG B 171 -2.90 -14.16 -38.88
N SER B 172 -2.41 -15.35 -38.54
CA SER B 172 -2.42 -16.46 -39.49
C SER B 172 -3.83 -16.82 -39.94
N GLN B 173 -4.81 -16.66 -39.05
CA GLN B 173 -6.20 -16.97 -39.34
C GLN B 173 -7.02 -15.72 -39.66
N SER B 174 -6.39 -14.73 -40.31
CA SER B 174 -7.10 -13.50 -40.65
C SER B 174 -8.19 -13.76 -41.69
N GLY B 175 -7.83 -14.43 -42.78
CA GLY B 175 -8.78 -14.66 -43.85
C GLY B 175 -9.85 -15.67 -43.53
N LYS B 176 -9.66 -16.49 -42.49
CA LYS B 176 -10.64 -17.50 -42.12
C LYS B 176 -11.94 -16.90 -41.61
N PHE B 177 -11.91 -15.64 -41.15
CA PHE B 177 -13.13 -14.95 -40.71
C PHE B 177 -13.29 -13.60 -41.38
N GLY B 178 -12.49 -13.29 -42.40
CA GLY B 178 -12.65 -12.06 -43.15
C GLY B 178 -12.51 -10.80 -42.29
N LYS B 179 -13.16 -9.73 -42.76
CA LYS B 179 -13.05 -8.44 -42.09
C LYS B 179 -13.89 -8.41 -40.82
N THR B 180 -15.17 -8.79 -40.92
CA THR B 180 -16.08 -8.83 -39.78
C THR B 180 -17.12 -9.92 -40.01
N CYS B 181 -17.47 -10.64 -38.95
CA CYS B 181 -18.51 -11.66 -39.01
C CYS B 181 -19.36 -11.61 -37.75
N LYS B 182 -20.55 -12.20 -37.85
CA LYS B 182 -21.55 -12.10 -36.82
C LYS B 182 -21.36 -13.15 -35.73
N LEU B 183 -22.31 -13.23 -34.81
CA LEU B 183 -22.16 -14.09 -33.64
C LEU B 183 -22.34 -15.56 -34.01
N ALA B 184 -23.27 -15.86 -34.91
CA ALA B 184 -23.55 -17.25 -35.25
C ALA B 184 -22.42 -17.90 -36.05
N ASP B 185 -21.60 -17.10 -36.72
CA ASP B 185 -20.45 -17.63 -37.48
C ASP B 185 -19.41 -18.23 -36.56
N LEU B 186 -19.66 -18.20 -35.25
CA LEU B 186 -18.64 -18.40 -34.24
C LEU B 186 -19.04 -19.49 -33.26
N ARG B 187 -19.43 -20.66 -33.79
CA ARG B 187 -19.79 -21.78 -32.93
C ARG B 187 -18.60 -22.69 -32.62
N ALA B 188 -17.59 -22.71 -33.49
CA ALA B 188 -16.39 -23.52 -33.30
C ALA B 188 -15.19 -22.58 -33.41
N VAL B 189 -14.90 -21.86 -32.32
CA VAL B 189 -13.87 -20.83 -32.33
C VAL B 189 -13.00 -20.93 -31.09
N GLU B 190 -13.41 -21.76 -30.13
CA GLU B 190 -12.63 -21.99 -28.90
C GLU B 190 -12.29 -20.67 -28.21
N LEU B 191 -13.33 -19.91 -27.87
CA LEU B 191 -13.13 -18.61 -27.24
C LEU B 191 -12.52 -18.77 -25.86
N THR B 192 -11.50 -17.96 -25.57
CA THR B 192 -10.84 -17.93 -24.26
C THR B 192 -11.06 -16.54 -23.67
N LEU B 193 -11.96 -16.44 -22.70
CA LEU B 193 -12.45 -15.14 -22.27
C LEU B 193 -11.78 -14.70 -20.96
N PHE B 194 -12.41 -13.77 -20.26
CA PHE B 194 -11.87 -13.11 -19.09
C PHE B 194 -13.00 -12.28 -18.46
N PRO B 195 -12.84 -11.85 -17.20
CA PRO B 195 -11.77 -12.10 -16.23
C PRO B 195 -12.09 -13.22 -15.26
N ARG B 196 -11.05 -13.79 -14.64
CA ARG B 196 -11.26 -14.76 -13.57
C ARG B 196 -11.93 -14.08 -12.37
N GLY B 197 -11.37 -12.96 -11.94
CA GLY B 197 -11.96 -12.21 -10.84
C GLY B 197 -13.17 -11.40 -11.30
N GLY B 198 -14.07 -11.15 -10.36
CA GLY B 198 -15.32 -10.49 -10.66
C GLY B 198 -16.44 -11.49 -10.79
N ARG B 199 -17.51 -11.34 -9.98
CA ARG B 199 -18.52 -12.40 -9.93
C ARG B 199 -19.34 -12.46 -11.22
N PRO B 200 -19.96 -11.37 -11.71
CA PRO B 200 -20.47 -11.41 -13.09
C PRO B 200 -19.88 -10.29 -13.93
N SER B 201 -18.78 -10.55 -14.63
CA SER B 201 -18.19 -9.49 -15.45
C SER B 201 -18.23 -9.85 -16.93
N PHE B 202 -17.17 -9.51 -17.66
CA PHE B 202 -17.19 -9.50 -19.12
C PHE B 202 -17.60 -10.86 -19.69
N ALA B 203 -16.88 -11.93 -19.31
CA ALA B 203 -17.15 -13.25 -19.88
C ALA B 203 -18.59 -13.67 -19.64
N ASP B 204 -19.12 -13.38 -18.45
CA ASP B 204 -20.48 -13.80 -18.12
C ASP B 204 -21.51 -13.15 -19.04
N GLU B 205 -21.28 -11.89 -19.42
CA GLU B 205 -22.19 -11.22 -20.34
C GLU B 205 -21.96 -11.65 -21.79
N VAL B 206 -20.72 -12.01 -22.13
CA VAL B 206 -20.48 -12.58 -23.46
C VAL B 206 -21.21 -13.91 -23.60
N ILE B 207 -21.15 -14.74 -22.56
CA ILE B 207 -21.93 -15.98 -22.54
C ILE B 207 -23.41 -15.67 -22.65
N GLY B 208 -23.85 -14.55 -22.06
CA GLY B 208 -25.25 -14.20 -22.10
C GLY B 208 -25.72 -13.81 -23.49
N LEU B 209 -24.92 -12.97 -24.18
CA LEU B 209 -25.28 -12.56 -25.53
C LEU B 209 -25.26 -13.72 -26.52
N PHE B 210 -24.63 -14.84 -26.16
CA PHE B 210 -24.67 -16.04 -27.00
C PHE B 210 -25.97 -16.80 -26.81
N LYS B 211 -26.37 -17.04 -25.55
CA LYS B 211 -27.59 -17.77 -25.27
C LYS B 211 -28.82 -17.02 -25.76
N HIS B 212 -28.80 -15.69 -25.70
CA HIS B 212 -29.87 -14.90 -26.30
C HIS B 212 -29.85 -14.98 -27.81
N ALA B 213 -28.70 -15.32 -28.41
CA ALA B 213 -28.57 -15.53 -29.84
C ALA B 213 -28.71 -16.99 -30.24
N GLY B 214 -28.93 -17.89 -29.28
CA GLY B 214 -29.16 -19.28 -29.56
C GLY B 214 -27.93 -20.16 -29.61
N ILE B 215 -26.75 -19.59 -29.86
CA ILE B 215 -25.53 -20.37 -30.00
C ILE B 215 -24.92 -20.58 -28.62
N GLU B 216 -24.70 -21.84 -28.24
CA GLU B 216 -23.94 -22.11 -27.02
C GLU B 216 -22.46 -21.97 -27.31
N PRO B 217 -21.73 -21.17 -26.53
CA PRO B 217 -20.37 -20.80 -26.94
C PRO B 217 -19.35 -21.83 -26.51
N ARG B 218 -18.37 -22.05 -27.38
CA ARG B 218 -17.23 -22.88 -27.05
C ARG B 218 -16.21 -22.04 -26.29
N ILE B 219 -15.97 -22.38 -25.03
CA ILE B 219 -15.04 -21.65 -24.18
C ILE B 219 -14.02 -22.63 -23.60
N ALA B 220 -12.73 -22.37 -23.87
CA ALA B 220 -11.65 -23.24 -23.43
C ALA B 220 -11.09 -22.83 -22.07
N ARG B 221 -10.65 -21.58 -21.95
CA ARG B 221 -10.06 -21.09 -20.70
C ARG B 221 -10.59 -19.70 -20.41
N VAL B 222 -10.56 -19.33 -19.13
CA VAL B 222 -10.89 -17.97 -18.70
C VAL B 222 -9.71 -17.44 -17.91
N VAL B 223 -9.11 -16.36 -18.39
CA VAL B 223 -7.86 -15.86 -17.82
C VAL B 223 -8.10 -14.61 -16.99
N GLU B 224 -7.02 -14.04 -16.45
CA GLU B 224 -7.15 -12.94 -15.49
C GLU B 224 -7.57 -11.65 -16.19
N ASP B 225 -6.84 -11.23 -17.22
CA ASP B 225 -6.99 -9.92 -17.83
C ASP B 225 -7.62 -10.01 -19.21
N ALA B 226 -8.01 -8.84 -19.73
CA ALA B 226 -8.19 -8.71 -21.17
C ALA B 226 -6.87 -8.92 -21.89
N THR B 227 -5.79 -8.38 -21.32
CA THR B 227 -4.46 -8.52 -21.90
C THR B 227 -3.88 -9.91 -21.72
N ALA B 228 -4.48 -10.74 -20.86
CA ALA B 228 -4.06 -12.13 -20.74
C ALA B 228 -4.75 -13.03 -21.77
N ALA B 229 -5.95 -12.65 -22.21
CA ALA B 229 -6.60 -13.42 -23.27
C ALA B 229 -5.95 -13.15 -24.62
N LEU B 230 -5.55 -11.90 -24.86
CA LEU B 230 -4.83 -11.57 -26.08
C LEU B 230 -3.40 -12.06 -26.03
N ALA B 231 -2.84 -12.22 -24.83
CA ALA B 231 -1.52 -12.81 -24.70
C ALA B 231 -1.50 -14.23 -25.27
N LEU B 232 -2.53 -15.02 -24.93
CA LEU B 232 -2.65 -16.36 -25.51
C LEU B 232 -2.90 -16.28 -27.01
N THR B 233 -3.68 -15.31 -27.45
CA THR B 233 -3.96 -15.15 -28.88
C THR B 233 -2.70 -14.74 -29.63
N MET B 234 -1.87 -13.90 -29.02
CA MET B 234 -0.61 -13.50 -29.64
C MET B 234 0.31 -14.69 -29.90
N ALA B 235 0.14 -15.78 -29.14
CA ALA B 235 0.89 -17.01 -29.36
C ALA B 235 0.12 -18.02 -30.19
N GLY B 236 -1.06 -17.66 -30.70
CA GLY B 236 -1.90 -18.59 -31.42
C GLY B 236 -2.51 -19.69 -30.59
N ALA B 237 -2.29 -19.68 -29.28
CA ALA B 237 -2.78 -20.72 -28.37
C ALA B 237 -4.22 -20.49 -27.93
N ALA B 238 -4.92 -19.55 -28.55
CA ALA B 238 -6.28 -19.22 -28.14
C ALA B 238 -6.87 -18.22 -29.12
N SER B 239 -8.16 -17.96 -28.95
CA SER B 239 -8.86 -16.90 -29.66
C SER B 239 -9.88 -16.30 -28.70
N SER B 240 -10.01 -14.98 -28.70
CA SER B 240 -10.86 -14.32 -27.70
C SER B 240 -11.80 -13.31 -28.33
N ILE B 241 -12.55 -12.58 -27.49
CA ILE B 241 -13.47 -11.55 -27.93
C ILE B 241 -13.40 -10.38 -26.96
N VAL B 242 -13.28 -9.16 -27.48
CA VAL B 242 -12.95 -8.01 -26.66
C VAL B 242 -13.83 -6.82 -27.01
N PRO B 243 -13.91 -5.79 -26.17
CA PRO B 243 -14.60 -4.56 -26.56
C PRO B 243 -13.80 -3.81 -27.62
N ALA B 244 -14.44 -2.76 -28.16
CA ALA B 244 -13.78 -1.93 -29.16
C ALA B 244 -12.65 -1.10 -28.58
N SER B 245 -12.67 -0.85 -27.26
CA SER B 245 -11.57 -0.13 -26.63
C SER B 245 -10.25 -0.85 -26.84
N VAL B 246 -10.23 -2.15 -26.56
CA VAL B 246 -8.99 -2.91 -26.66
C VAL B 246 -8.61 -3.10 -28.13
N ALA B 247 -9.58 -3.41 -28.98
CA ALA B 247 -9.29 -3.62 -30.40
C ALA B 247 -8.81 -2.35 -31.09
N ALA B 248 -9.07 -1.17 -30.50
CA ALA B 248 -8.53 0.06 -31.05
C ALA B 248 -7.02 0.10 -30.99
N ILE B 249 -6.43 -0.53 -29.96
CA ILE B 249 -4.97 -0.61 -29.85
C ILE B 249 -4.43 -1.53 -30.94
N ARG B 250 -3.35 -1.09 -31.60
CA ARG B 250 -2.72 -1.89 -32.64
C ARG B 250 -1.91 -2.99 -31.96
N TRP B 251 -2.61 -4.09 -31.66
CA TRP B 251 -1.96 -5.21 -31.00
C TRP B 251 -1.11 -5.98 -32.01
N PRO B 252 0.14 -6.31 -31.69
CA PRO B 252 0.98 -7.06 -32.63
C PRO B 252 0.57 -8.52 -32.68
N ASP B 253 0.42 -9.03 -33.91
CA ASP B 253 0.14 -10.42 -34.27
C ASP B 253 -1.34 -10.80 -34.15
N ILE B 254 -2.22 -9.88 -33.77
CA ILE B 254 -3.64 -10.20 -33.59
C ILE B 254 -4.46 -9.45 -34.64
N ALA B 255 -5.54 -10.07 -35.09
CA ALA B 255 -6.48 -9.46 -36.02
C ALA B 255 -7.85 -9.36 -35.37
N PHE B 256 -8.56 -8.26 -35.65
CA PHE B 256 -9.83 -7.99 -34.99
C PHE B 256 -10.95 -7.84 -36.02
N ALA B 257 -12.16 -8.18 -35.58
CA ALA B 257 -13.35 -8.14 -36.40
C ALA B 257 -14.53 -7.83 -35.50
N ARG B 258 -15.30 -6.77 -35.80
CA ARG B 258 -16.48 -6.49 -34.97
C ARG B 258 -17.40 -7.70 -34.99
N ILE B 259 -18.24 -7.78 -33.98
CA ILE B 259 -19.34 -8.73 -33.96
C ILE B 259 -20.63 -7.96 -34.24
N VAL B 260 -21.36 -8.40 -35.26
CA VAL B 260 -22.55 -7.68 -35.71
C VAL B 260 -23.82 -8.35 -35.22
N ARG B 263 -27.35 -5.94 -32.29
CA ARG B 263 -27.76 -5.91 -30.89
C ARG B 263 -26.75 -6.61 -29.99
N VAL B 264 -25.46 -6.37 -30.23
CA VAL B 264 -24.40 -7.08 -29.54
C VAL B 264 -23.33 -6.10 -29.05
N LYS B 265 -23.77 -5.10 -28.28
CA LYS B 265 -22.88 -4.10 -27.72
C LYS B 265 -22.82 -4.23 -26.20
N VAL B 266 -21.77 -3.66 -25.61
CA VAL B 266 -21.62 -3.61 -24.16
C VAL B 266 -21.42 -2.16 -23.75
N PRO B 267 -21.86 -1.76 -22.56
CA PRO B 267 -21.83 -0.34 -22.21
C PRO B 267 -20.62 0.08 -21.39
N ILE B 268 -20.45 1.39 -21.22
CA ILE B 268 -19.56 1.97 -20.23
C ILE B 268 -20.43 2.65 -19.18
N SER B 269 -20.11 2.42 -17.92
CA SER B 269 -20.92 2.95 -16.84
C SER B 269 -20.03 3.32 -15.67
N CYS B 270 -20.16 4.55 -15.19
CA CYS B 270 -19.53 4.99 -13.96
C CYS B 270 -20.57 5.03 -12.85
N ILE B 271 -20.14 4.70 -11.64
CA ILE B 271 -21.02 4.69 -10.49
C ILE B 271 -20.51 5.70 -9.46
N PHE B 272 -21.45 6.33 -8.76
CA PHE B 272 -21.09 7.30 -7.73
C PHE B 272 -22.20 7.36 -6.69
N ARG B 273 -21.81 7.74 -5.48
CA ARG B 273 -22.76 7.90 -4.39
C ARG B 273 -23.65 9.11 -4.63
N LYS B 274 -24.95 8.95 -4.36
CA LYS B 274 -25.93 9.97 -4.70
C LYS B 274 -26.06 11.06 -3.64
N GLU B 275 -25.49 10.88 -2.46
CA GLU B 275 -25.61 11.84 -1.36
C GLU B 275 -24.24 12.37 -0.98
N LYS B 276 -24.22 13.63 -0.53
CA LYS B 276 -23.01 14.31 -0.09
C LYS B 276 -21.89 14.18 -1.14
N GLN B 277 -22.13 14.83 -2.27
CA GLN B 277 -21.18 14.75 -3.38
C GLN B 277 -20.16 15.88 -3.30
N PRO B 278 -18.88 15.55 -3.32
CA PRO B 278 -17.82 16.59 -3.36
C PRO B 278 -17.91 17.42 -4.63
N PRO B 279 -17.43 18.68 -4.60
CA PRO B 279 -17.56 19.54 -5.79
C PRO B 279 -16.86 19.00 -7.03
N ILE B 280 -15.57 18.65 -6.94
CA ILE B 280 -14.84 18.18 -8.11
C ILE B 280 -15.48 16.91 -8.67
N LEU B 281 -16.15 16.13 -7.82
CA LEU B 281 -16.91 14.99 -8.31
C LEU B 281 -18.11 15.45 -9.14
N ALA B 282 -18.81 16.49 -8.68
CA ALA B 282 -19.97 16.99 -9.42
C ALA B 282 -19.56 17.67 -10.72
N ARG B 283 -18.33 18.22 -10.77
CA ARG B 283 -17.84 18.77 -12.02
C ARG B 283 -17.49 17.67 -13.01
N PHE B 284 -17.12 16.48 -12.51
CA PHE B 284 -16.98 15.31 -13.37
C PHE B 284 -18.35 14.84 -13.86
N VAL B 285 -19.32 14.74 -12.94
CA VAL B 285 -20.67 14.33 -13.31
C VAL B 285 -21.25 15.27 -14.35
N GLU B 286 -20.93 16.56 -14.25
CA GLU B 286 -21.35 17.52 -15.27
C GLU B 286 -20.75 17.17 -16.62
N HIS B 287 -19.44 16.89 -16.65
CA HIS B 287 -18.77 16.63 -17.91
C HIS B 287 -19.14 15.26 -18.48
N VAL B 288 -19.42 14.28 -17.61
CA VAL B 288 -19.71 12.95 -18.14
C VAL B 288 -21.15 12.87 -18.65
N ARG B 289 -22.05 13.69 -18.11
CA ARG B 289 -23.43 13.70 -18.60
C ARG B 289 -23.57 14.45 -19.91
N ARG B 290 -22.87 15.58 -20.05
CA ARG B 290 -22.85 16.27 -21.34
C ARG B 290 -22.15 15.42 -22.40
N SER B 291 -21.17 14.62 -21.99
CA SER B 291 -20.50 13.71 -22.90
C SER B 291 -21.30 12.46 -23.18
N ALA B 292 -22.40 12.25 -22.46
CA ALA B 292 -23.19 11.03 -22.64
C ALA B 292 -24.03 11.09 -23.91
N LYS B 293 -24.94 12.06 -24.00
CA LYS B 293 -25.89 12.06 -25.11
C LYS B 293 -25.22 12.38 -26.44
N ASP B 294 -24.10 13.09 -26.40
CA ASP B 294 -23.41 13.47 -27.63
C ASP B 294 -22.88 12.24 -28.38
N MET C 1 -14.26 -36.51 3.70
CA MET C 1 -13.36 -36.94 2.63
C MET C 1 -14.12 -37.64 1.51
N GLU C 2 -14.81 -36.85 0.68
CA GLU C 2 -15.56 -37.41 -0.43
C GLU C 2 -15.80 -36.31 -1.45
N PHE C 3 -15.81 -36.68 -2.74
CA PHE C 3 -15.81 -35.67 -3.80
C PHE C 3 -17.10 -34.86 -3.84
N ARG C 4 -18.25 -35.51 -3.63
CA ARG C 4 -19.49 -34.75 -3.62
C ARG C 4 -19.55 -33.81 -2.42
N GLN C 5 -18.92 -34.18 -1.30
CA GLN C 5 -18.79 -33.27 -0.17
C GLN C 5 -17.92 -32.08 -0.51
N LEU C 6 -17.14 -32.15 -1.58
CA LEU C 6 -16.32 -31.04 -2.04
C LEU C 6 -17.08 -30.14 -3.00
N LYS C 7 -17.78 -30.73 -3.97
CA LYS C 7 -18.56 -29.94 -4.92
C LYS C 7 -19.66 -29.16 -4.20
N TYR C 8 -20.29 -29.78 -3.20
CA TYR C 8 -21.31 -29.07 -2.42
C TYR C 8 -20.68 -27.90 -1.66
N PHE C 9 -19.61 -28.16 -0.91
CA PHE C 9 -19.00 -27.11 -0.09
C PHE C 9 -18.55 -25.92 -0.92
N ILE C 10 -18.00 -26.16 -2.10
CA ILE C 10 -17.46 -25.06 -2.91
C ILE C 10 -18.58 -24.18 -3.42
N ALA C 11 -19.64 -24.78 -3.95
CA ALA C 11 -20.76 -23.99 -4.44
C ALA C 11 -21.47 -23.26 -3.32
N VAL C 12 -21.46 -23.83 -2.11
CA VAL C 12 -22.01 -23.11 -0.95
C VAL C 12 -21.20 -21.85 -0.67
N ALA C 13 -19.89 -22.01 -0.48
CA ALA C 13 -19.04 -20.87 -0.16
C ALA C 13 -19.05 -19.81 -1.26
N GLU C 14 -19.35 -20.19 -2.50
CA GLU C 14 -19.36 -19.25 -3.61
C GLU C 14 -20.67 -18.47 -3.65
N ALA C 15 -21.81 -19.18 -3.71
CA ALA C 15 -23.09 -18.50 -3.82
C ALA C 15 -23.44 -17.73 -2.55
N GLY C 16 -22.88 -18.12 -1.42
CA GLY C 16 -23.12 -17.42 -0.18
C GLY C 16 -24.36 -17.82 0.59
N ASN C 17 -24.98 -18.95 0.22
CA ASN C 17 -26.17 -19.44 0.91
C ASN C 17 -26.43 -20.87 0.47
N MET C 18 -27.07 -21.65 1.36
CA MET C 18 -27.36 -23.04 1.09
C MET C 18 -28.66 -23.25 0.32
N ALA C 19 -29.10 -22.23 -0.43
CA ALA C 19 -30.26 -22.33 -1.30
C ALA C 19 -29.93 -22.03 -2.75
N ALA C 20 -29.23 -20.92 -3.01
CA ALA C 20 -28.74 -20.66 -4.37
C ALA C 20 -27.63 -21.63 -4.74
N ALA C 21 -26.89 -22.14 -3.74
CA ALA C 21 -25.92 -23.19 -4.01
C ALA C 21 -26.61 -24.47 -4.46
N ALA C 22 -27.65 -24.89 -3.72
CA ALA C 22 -28.46 -26.02 -4.18
C ALA C 22 -29.14 -25.70 -5.51
N LYS C 23 -29.45 -24.42 -5.76
CA LYS C 23 -29.95 -24.04 -7.06
C LYS C 23 -28.87 -24.16 -8.12
N ARG C 24 -27.65 -23.73 -7.80
CA ARG C 24 -26.51 -23.84 -8.71
C ARG C 24 -26.01 -25.27 -8.86
N LEU C 25 -26.48 -26.20 -8.01
CA LEU C 25 -26.06 -27.59 -8.06
C LEU C 25 -27.19 -28.55 -8.45
N HIS C 26 -28.40 -28.04 -8.68
CA HIS C 26 -29.55 -28.83 -9.12
C HIS C 26 -29.91 -29.92 -8.11
N VAL C 27 -29.96 -29.53 -6.83
CA VAL C 27 -30.36 -30.42 -5.75
C VAL C 27 -31.23 -29.64 -4.77
N SER C 28 -31.62 -30.31 -3.69
CA SER C 28 -32.41 -29.68 -2.64
C SER C 28 -31.48 -29.20 -1.51
N GLN C 29 -32.08 -28.58 -0.49
CA GLN C 29 -31.33 -28.06 0.65
C GLN C 29 -30.97 -29.13 1.68
N PRO C 30 -31.88 -30.05 2.02
CA PRO C 30 -31.54 -31.11 3.01
C PRO C 30 -30.26 -31.85 2.67
N PRO C 31 -30.04 -32.27 1.41
CA PRO C 31 -28.80 -33.00 1.15
C PRO C 31 -27.56 -32.11 1.18
N ILE C 32 -27.70 -30.85 0.77
CA ILE C 32 -26.59 -29.91 0.91
C ILE C 32 -26.22 -29.76 2.38
N THR C 33 -27.22 -29.63 3.25
CA THR C 33 -26.94 -29.52 4.68
C THR C 33 -26.43 -30.84 5.25
N ARG C 34 -27.03 -31.97 4.84
CA ARG C 34 -26.63 -33.25 5.39
C ARG C 34 -25.20 -33.61 5.02
N GLN C 35 -24.71 -33.13 3.87
CA GLN C 35 -23.35 -33.44 3.47
C GLN C 35 -22.33 -32.52 4.13
N MET C 36 -22.75 -31.32 4.55
CA MET C 36 -21.83 -30.45 5.27
C MET C 36 -21.61 -30.92 6.70
N GLN C 37 -22.68 -31.32 7.38
CA GLN C 37 -22.53 -31.87 8.72
C GLN C 37 -21.73 -33.17 8.69
N ALA C 38 -21.74 -33.87 7.56
CA ALA C 38 -20.83 -35.00 7.39
C ALA C 38 -19.42 -34.52 7.09
N LEU C 39 -19.28 -33.45 6.32
CA LEU C 39 -17.97 -32.88 6.05
C LEU C 39 -17.32 -32.35 7.33
N GLU C 40 -18.09 -31.66 8.17
CA GLU C 40 -17.57 -31.15 9.43
C GLU C 40 -17.23 -32.26 10.42
N ALA C 41 -17.63 -33.50 10.13
CA ALA C 41 -17.29 -34.63 10.99
C ALA C 41 -15.94 -35.25 10.61
N ASP C 42 -15.73 -35.52 9.31
CA ASP C 42 -14.49 -36.15 8.89
C ASP C 42 -13.29 -35.22 9.13
N LEU C 43 -13.49 -33.92 8.97
CA LEU C 43 -12.44 -32.95 9.27
C LEU C 43 -12.40 -32.57 10.75
N GLY C 44 -13.57 -32.36 11.35
CA GLY C 44 -13.65 -32.07 12.77
C GLY C 44 -13.77 -30.60 13.13
N VAL C 45 -13.73 -29.70 12.15
CA VAL C 45 -13.79 -28.27 12.39
C VAL C 45 -15.09 -27.73 11.82
N VAL C 46 -15.66 -26.74 12.50
CA VAL C 46 -16.81 -26.03 11.96
C VAL C 46 -16.34 -25.13 10.83
N LEU C 47 -16.90 -25.33 9.64
CA LEU C 47 -16.51 -24.59 8.45
C LEU C 47 -17.42 -23.41 8.15
N LEU C 48 -18.71 -23.53 8.44
CA LEU C 48 -19.71 -22.55 8.05
C LEU C 48 -20.47 -22.08 9.28
N GLU C 49 -20.96 -20.85 9.24
CA GLU C 49 -21.60 -20.28 10.42
C GLU C 49 -22.76 -19.38 10.00
N ARG C 50 -23.97 -19.94 10.04
CA ARG C 50 -25.23 -19.20 9.85
C ARG C 50 -25.21 -18.25 8.66
N ILE C 55 -24.25 -16.76 4.25
CA ILE C 55 -23.42 -17.46 5.22
C ILE C 55 -21.93 -17.27 4.93
N GLU C 56 -21.16 -17.01 5.98
CA GLU C 56 -19.72 -16.83 5.85
C GLU C 56 -19.01 -18.11 6.29
N LEU C 57 -17.68 -18.10 6.15
CA LEU C 57 -16.85 -19.24 6.51
C LEU C 57 -15.99 -18.90 7.71
N THR C 58 -15.75 -19.91 8.54
CA THR C 58 -14.75 -19.75 9.59
C THR C 58 -13.36 -19.68 8.96
N ALA C 59 -12.37 -19.32 9.79
CA ALA C 59 -11.00 -19.40 9.31
C ALA C 59 -10.63 -20.83 8.93
N ALA C 60 -11.27 -21.81 9.58
CA ALA C 60 -11.13 -23.19 9.13
C ALA C 60 -11.79 -23.39 7.77
N GLY C 61 -12.87 -22.65 7.50
CA GLY C 61 -13.56 -22.82 6.23
C GLY C 61 -12.75 -22.32 5.04
N HIS C 62 -12.04 -21.20 5.21
CA HIS C 62 -11.24 -20.67 4.12
C HIS C 62 -10.00 -21.51 3.87
N ALA C 63 -9.33 -21.94 4.95
CA ALA C 63 -8.14 -22.76 4.78
C ALA C 63 -8.47 -24.11 4.15
N PHE C 64 -9.66 -24.64 4.42
CA PHE C 64 -10.11 -25.87 3.76
C PHE C 64 -10.63 -25.61 2.36
N LEU C 65 -11.01 -24.38 2.04
CA LEU C 65 -11.49 -24.07 0.70
C LEU C 65 -10.37 -24.17 -0.32
N GLU C 66 -9.19 -23.62 0.00
CA GLU C 66 -8.08 -23.67 -0.94
C GLU C 66 -7.53 -25.08 -1.11
N ASP C 67 -7.79 -25.97 -0.15
CA ASP C 67 -7.41 -27.37 -0.31
C ASP C 67 -8.38 -28.10 -1.23
N ALA C 68 -9.68 -27.81 -1.11
CA ALA C 68 -10.67 -28.50 -1.94
C ALA C 68 -10.62 -28.05 -3.38
N ARG C 69 -10.27 -26.79 -3.64
CA ARG C 69 -10.14 -26.34 -5.01
C ARG C 69 -8.88 -26.89 -5.67
N ARG C 70 -7.80 -27.09 -4.88
CA ARG C 70 -6.61 -27.72 -5.42
C ARG C 70 -6.88 -29.17 -5.79
N ILE C 71 -7.80 -29.82 -5.10
CA ILE C 71 -8.11 -31.23 -5.38
C ILE C 71 -8.92 -31.35 -6.66
N LEU C 72 -9.97 -30.55 -6.80
CA LEU C 72 -10.86 -30.67 -7.94
C LEU C 72 -10.16 -30.27 -9.24
N GLU C 73 -9.44 -29.14 -9.22
CA GLU C 73 -8.74 -28.71 -10.43
C GLU C 73 -7.56 -29.62 -10.75
N LEU C 74 -7.09 -30.40 -9.77
CA LEU C 74 -6.12 -31.45 -10.07
C LEU C 74 -6.77 -32.59 -10.84
N ALA C 75 -7.97 -33.02 -10.42
CA ALA C 75 -8.67 -34.07 -11.15
C ALA C 75 -9.08 -33.61 -12.54
N GLY C 76 -9.42 -32.33 -12.68
CA GLY C 76 -9.73 -31.82 -14.01
C GLY C 76 -8.54 -31.81 -14.93
N ARG C 77 -7.36 -31.51 -14.39
CA ARG C 77 -6.14 -31.61 -15.19
C ARG C 77 -5.83 -33.05 -15.55
N SER C 78 -6.04 -33.98 -14.60
CA SER C 78 -5.81 -35.40 -14.89
C SER C 78 -6.82 -35.93 -15.89
N GLY C 79 -8.03 -35.36 -15.93
CA GLY C 79 -9.02 -35.81 -16.90
C GLY C 79 -8.55 -35.64 -18.32
N ASP C 80 -7.79 -34.57 -18.59
CA ASP C 80 -7.16 -34.36 -19.88
C ASP C 80 -5.72 -34.86 -19.93
N ARG C 81 -5.05 -35.02 -18.77
CA ARG C 81 -3.68 -35.51 -18.78
C ARG C 81 -3.61 -36.95 -19.27
N SER C 82 -4.67 -37.73 -19.06
CA SER C 82 -4.67 -39.12 -19.47
C SER C 82 -5.03 -39.26 -20.95
N ARG C 83 -6.01 -38.47 -21.43
CA ARG C 83 -6.44 -38.59 -22.81
C ARG C 83 -5.34 -38.17 -23.79
N ALA C 84 -4.45 -37.28 -23.37
CA ALA C 84 -3.33 -36.86 -24.22
C ALA C 84 -2.16 -37.83 -24.16
N ALA C 85 -2.03 -38.58 -23.07
CA ALA C 85 -1.01 -39.61 -23.01
C ALA C 85 -1.32 -40.76 -23.96
N ALA C 86 -2.62 -41.03 -24.18
CA ALA C 86 -3.02 -42.08 -25.10
C ALA C 86 -2.51 -41.82 -26.51
N ARG C 87 -2.69 -40.59 -26.99
CA ARG C 87 -2.17 -40.19 -28.29
C ARG C 87 -0.70 -39.80 -28.25
N GLY C 88 -0.03 -40.05 -27.14
CA GLY C 88 1.39 -39.72 -27.01
C GLY C 88 1.70 -38.25 -27.12
N ASP C 89 0.69 -37.39 -26.96
CA ASP C 89 0.89 -35.96 -27.08
C ASP C 89 1.80 -35.44 -25.97
N VAL C 90 2.39 -34.27 -26.21
CA VAL C 90 3.33 -33.70 -25.25
C VAL C 90 2.58 -33.19 -24.02
N GLY C 91 1.41 -32.59 -24.23
CA GLY C 91 0.48 -32.32 -23.16
C GLY C 91 0.38 -30.85 -22.79
N GLU C 92 -0.17 -30.60 -21.61
CA GLU C 92 -0.39 -29.24 -21.13
C GLU C 92 0.83 -28.77 -20.36
N LEU C 93 1.37 -27.62 -20.76
CA LEU C 93 2.44 -26.96 -20.02
C LEU C 93 1.80 -25.82 -19.24
N SER C 94 1.58 -26.04 -17.95
CA SER C 94 0.97 -25.02 -17.09
C SER C 94 2.01 -23.96 -16.79
N VAL C 95 1.84 -22.78 -17.36
CA VAL C 95 2.79 -21.69 -17.23
C VAL C 95 2.16 -20.58 -16.41
N ALA C 96 2.97 -19.94 -15.56
CA ALA C 96 2.54 -18.80 -14.77
C ALA C 96 3.33 -17.57 -15.19
N TYR C 97 2.80 -16.40 -14.84
CA TYR C 97 3.40 -15.13 -15.26
C TYR C 97 3.09 -14.05 -14.24
N PHE C 98 3.98 -13.05 -14.18
CA PHE C 98 3.73 -11.84 -13.40
C PHE C 98 4.48 -10.67 -14.03
N GLY C 99 3.74 -9.69 -14.50
CA GLY C 99 4.31 -8.41 -14.85
C GLY C 99 4.32 -8.16 -16.35
N THR C 100 5.11 -7.17 -16.73
CA THR C 100 5.24 -6.62 -18.08
C THR C 100 5.52 -7.62 -19.20
N PRO C 101 6.23 -8.74 -18.99
CA PRO C 101 6.51 -9.65 -20.12
C PRO C 101 5.28 -10.22 -20.80
N ILE C 102 4.09 -10.09 -20.22
CA ILE C 102 2.90 -10.68 -20.83
C ILE C 102 2.46 -9.92 -22.09
N TYR C 103 2.91 -8.69 -22.26
CA TYR C 103 2.44 -7.92 -23.41
C TYR C 103 3.07 -8.37 -24.73
N ARG C 104 4.34 -8.76 -24.72
CA ARG C 104 4.87 -9.28 -25.97
C ARG C 104 5.80 -10.48 -25.78
N SER C 105 6.70 -10.41 -24.80
CA SER C 105 7.71 -11.43 -24.58
C SER C 105 7.14 -12.84 -24.46
N LEU C 106 6.55 -13.14 -23.32
CA LEU C 106 5.99 -14.48 -23.08
C LEU C 106 5.08 -14.98 -24.20
N PRO C 107 4.23 -14.16 -24.84
CA PRO C 107 3.50 -14.67 -26.01
C PRO C 107 4.39 -15.19 -27.12
N LEU C 108 5.55 -14.56 -27.37
CA LEU C 108 6.38 -15.00 -28.49
C LEU C 108 7.13 -16.28 -28.17
N LEU C 109 7.54 -16.47 -26.91
CA LEU C 109 8.18 -17.72 -26.55
C LEU C 109 7.21 -18.89 -26.66
N LEU C 110 6.00 -18.71 -26.13
CA LEU C 110 4.99 -19.76 -26.28
C LEU C 110 4.62 -19.97 -27.74
N ARG C 111 4.63 -18.89 -28.53
CA ARG C 111 4.37 -19.03 -29.97
C ARG C 111 5.37 -19.97 -30.62
N ALA C 112 6.67 -19.72 -30.40
CA ALA C 112 7.70 -20.55 -31.04
C ALA C 112 7.72 -21.95 -30.45
N PHE C 113 7.50 -22.08 -29.14
CA PHE C 113 7.50 -23.40 -28.52
C PHE C 113 6.35 -24.25 -29.06
N LEU C 114 5.16 -23.67 -29.17
CA LEU C 114 4.03 -24.39 -29.74
C LEU C 114 4.20 -24.66 -31.23
N THR C 115 5.16 -24.01 -31.89
CA THR C 115 5.50 -24.34 -33.26
C THR C 115 6.41 -25.57 -33.32
N SER C 116 7.51 -25.54 -32.57
CA SER C 116 8.44 -26.67 -32.57
C SER C 116 7.80 -27.92 -31.96
N THR C 117 7.16 -27.77 -30.81
CA THR C 117 6.44 -28.87 -30.19
C THR C 117 4.96 -28.70 -30.50
N PRO C 118 4.39 -29.48 -31.42
CA PRO C 118 3.05 -29.18 -31.92
C PRO C 118 1.91 -29.73 -31.07
N THR C 119 2.14 -30.88 -30.44
CA THR C 119 1.07 -31.61 -29.76
C THR C 119 0.83 -31.12 -28.33
N ALA C 120 1.39 -29.99 -27.96
CA ALA C 120 1.30 -29.49 -26.59
C ALA C 120 0.36 -28.30 -26.51
N THR C 121 -0.26 -28.15 -25.34
CA THR C 121 -1.10 -27.01 -25.01
C THR C 121 -0.55 -26.33 -23.75
N VAL C 122 -1.05 -25.13 -23.47
CA VAL C 122 -0.55 -24.31 -22.36
C VAL C 122 -1.73 -23.70 -21.61
N SER C 123 -1.54 -23.51 -20.30
CA SER C 123 -2.51 -22.81 -19.46
C SER C 123 -1.81 -21.62 -18.81
N LEU C 124 -2.43 -20.45 -18.90
CA LEU C 124 -1.87 -19.24 -18.30
C LEU C 124 -2.49 -19.01 -16.93
N THR C 125 -1.65 -18.67 -15.96
CA THR C 125 -2.10 -18.40 -14.60
C THR C 125 -1.30 -17.21 -14.08
N HIS C 126 -2.00 -16.21 -13.56
CA HIS C 126 -1.34 -15.02 -13.05
C HIS C 126 -0.99 -15.25 -11.58
N MET C 127 0.30 -15.35 -11.28
CA MET C 127 0.78 -15.54 -9.93
C MET C 127 1.79 -14.44 -9.62
N THR C 128 2.40 -14.51 -8.44
CA THR C 128 3.33 -13.49 -7.99
C THR C 128 4.75 -14.07 -8.03
N LYS C 129 5.75 -13.18 -8.08
CA LYS C 129 7.15 -13.61 -8.16
C LYS C 129 7.56 -14.50 -6.98
N ASP C 130 6.76 -14.55 -5.92
CA ASP C 130 6.93 -15.57 -4.89
C ASP C 130 5.70 -16.47 -4.73
N GLU C 131 4.56 -16.10 -5.31
CA GLU C 131 3.45 -17.04 -5.40
C GLU C 131 3.72 -18.14 -6.42
N GLN C 132 4.66 -17.90 -7.33
CA GLN C 132 5.09 -18.94 -8.26
C GLN C 132 5.93 -19.99 -7.55
N VAL C 133 6.99 -19.55 -6.86
CA VAL C 133 7.94 -20.47 -6.23
C VAL C 133 7.20 -21.40 -5.28
N GLU C 134 6.02 -20.98 -4.82
CA GLU C 134 5.13 -21.87 -4.08
C GLU C 134 4.52 -22.92 -5.01
N GLY C 135 3.98 -22.49 -6.14
CA GLY C 135 3.35 -23.41 -7.06
C GLY C 135 4.33 -24.36 -7.73
N LEU C 136 5.49 -23.85 -8.15
CA LEU C 136 6.56 -24.69 -8.67
C LEU C 136 6.91 -25.82 -7.71
N LEU C 137 7.29 -25.47 -6.48
CA LEU C 137 7.69 -26.47 -5.50
C LEU C 137 6.55 -27.41 -5.10
N ALA C 138 5.32 -27.12 -5.52
CA ALA C 138 4.19 -28.00 -5.24
C ALA C 138 3.62 -28.66 -6.48
N GLY C 139 4.05 -28.24 -7.68
CA GLY C 139 3.63 -28.88 -8.90
C GLY C 139 2.45 -28.24 -9.60
N THR C 140 1.80 -27.25 -9.00
CA THR C 140 0.67 -26.61 -9.66
C THR C 140 1.08 -25.79 -10.87
N ILE C 141 2.37 -25.45 -10.98
CA ILE C 141 2.88 -24.65 -12.09
C ILE C 141 4.22 -25.22 -12.53
N HIS C 142 4.40 -25.36 -13.84
CA HIS C 142 5.67 -25.84 -14.39
C HIS C 142 6.71 -24.74 -14.40
N VAL C 143 6.53 -23.73 -15.27
CA VAL C 143 7.43 -22.60 -15.40
C VAL C 143 6.67 -21.33 -15.11
N GLY C 144 7.27 -20.43 -14.34
CA GLY C 144 6.71 -19.13 -14.05
C GLY C 144 7.61 -18.04 -14.60
N PHE C 145 7.01 -17.07 -15.27
CA PHE C 145 7.75 -15.97 -15.89
C PHE C 145 7.54 -14.67 -15.14
N SER C 146 8.60 -13.87 -15.10
CA SER C 146 8.62 -12.53 -14.52
C SER C 146 9.98 -11.91 -14.77
N ARG C 147 10.26 -10.74 -14.20
CA ARG C 147 11.54 -10.09 -14.44
C ARG C 147 12.55 -10.42 -13.33
N PHE C 148 12.37 -9.83 -12.16
CA PHE C 148 13.38 -9.86 -11.11
C PHE C 148 13.03 -10.90 -10.06
N PHE C 149 13.85 -11.96 -9.96
CA PHE C 149 13.64 -13.06 -9.03
C PHE C 149 14.72 -13.08 -7.95
N PRO C 150 14.38 -13.51 -6.74
CA PRO C 150 15.42 -13.88 -5.76
C PRO C 150 15.70 -15.37 -5.80
N ARG C 151 16.94 -15.77 -5.49
CA ARG C 151 17.26 -17.19 -5.49
C ARG C 151 16.48 -17.92 -4.41
N HIS C 152 15.91 -19.07 -4.78
CA HIS C 152 15.23 -19.96 -3.86
C HIS C 152 15.90 -21.33 -3.90
N PRO C 153 16.08 -21.99 -2.75
CA PRO C 153 16.98 -23.15 -2.73
C PRO C 153 16.54 -24.29 -3.64
N GLY C 154 15.25 -24.43 -3.94
CA GLY C 154 14.80 -25.53 -4.76
C GLY C 154 14.56 -25.19 -6.22
N ILE C 155 14.54 -23.89 -6.54
CA ILE C 155 14.17 -23.40 -7.86
C ILE C 155 15.41 -22.94 -8.61
N GLU C 156 15.49 -23.30 -9.89
CA GLU C 156 16.56 -22.84 -10.76
C GLU C 156 16.10 -21.63 -11.55
N ILE C 157 16.78 -20.51 -11.38
CA ILE C 157 16.48 -19.29 -12.12
C ILE C 157 17.26 -19.31 -13.42
N VAL C 158 16.59 -18.96 -14.52
CA VAL C 158 17.24 -18.88 -15.81
C VAL C 158 16.80 -17.61 -16.52
N ASN C 159 17.76 -16.90 -17.08
CA ASN C 159 17.50 -15.71 -17.88
C ASN C 159 17.29 -16.13 -19.33
N ILE C 160 16.54 -15.30 -20.06
CA ILE C 160 16.22 -15.59 -21.45
C ILE C 160 16.82 -14.54 -22.37
N ALA C 161 16.41 -13.28 -22.18
CA ALA C 161 16.87 -12.19 -23.03
C ALA C 161 16.68 -10.87 -22.29
N GLN C 162 17.29 -9.82 -22.83
CA GLN C 162 17.11 -8.45 -22.34
C GLN C 162 16.06 -7.72 -23.15
N GLU C 163 15.32 -6.85 -22.49
CA GLU C 163 14.47 -5.87 -23.17
C GLU C 163 14.95 -4.47 -22.82
N ASP C 164 14.64 -3.53 -23.70
CA ASP C 164 14.98 -2.14 -23.47
C ASP C 164 13.90 -1.47 -22.63
N LEU C 165 14.19 -0.26 -22.18
CA LEU C 165 13.23 0.58 -21.46
C LEU C 165 12.90 1.80 -22.28
N TYR C 166 11.63 2.20 -22.25
CA TYR C 166 11.13 3.33 -23.02
C TYR C 166 10.39 4.29 -22.10
N LEU C 167 10.81 5.55 -22.11
CA LEU C 167 10.04 6.58 -21.44
C LEU C 167 8.71 6.78 -22.16
N ALA C 168 7.62 6.77 -21.39
CA ALA C 168 6.27 6.82 -21.93
C ALA C 168 5.65 8.17 -21.58
N VAL C 169 5.53 9.04 -22.58
CA VAL C 169 4.90 10.34 -22.42
C VAL C 169 3.73 10.42 -23.40
N HIS C 170 2.91 11.44 -23.21
CA HIS C 170 1.81 11.67 -24.12
C HIS C 170 2.34 12.06 -25.50
N ARG C 171 1.51 11.82 -26.52
CA ARG C 171 1.90 12.10 -27.90
C ARG C 171 2.25 13.56 -28.14
N SER C 172 1.79 14.46 -27.27
CA SER C 172 2.14 15.87 -27.40
C SER C 172 3.57 16.14 -26.96
N GLN C 173 4.05 15.42 -25.94
CA GLN C 173 5.36 15.63 -25.36
C GLN C 173 6.50 15.06 -26.22
N SER C 174 6.16 14.56 -27.42
CA SER C 174 7.09 13.75 -28.21
C SER C 174 8.34 14.52 -28.62
N GLY C 175 8.20 15.83 -28.86
CA GLY C 175 9.35 16.62 -29.27
C GLY C 175 10.31 16.96 -28.15
N LYS C 176 9.85 16.89 -26.89
CA LYS C 176 10.72 17.21 -25.77
C LYS C 176 11.91 16.26 -25.67
N PHE C 177 11.72 15.00 -26.05
CA PHE C 177 12.77 14.00 -25.97
C PHE C 177 13.21 13.47 -27.32
N GLY C 178 12.42 13.69 -28.37
CA GLY C 178 12.77 13.15 -29.67
C GLY C 178 12.70 11.64 -29.67
N LYS C 179 13.68 11.02 -30.32
CA LYS C 179 13.69 9.56 -30.41
C LYS C 179 14.30 8.94 -29.15
N THR C 180 15.44 9.49 -28.70
CA THR C 180 16.25 8.88 -27.66
C THR C 180 16.42 9.86 -26.51
N CYS C 181 16.33 9.33 -25.28
CA CYS C 181 16.66 10.07 -24.08
C CYS C 181 17.47 9.18 -23.16
N LYS C 182 18.28 9.80 -22.31
CA LYS C 182 19.04 9.09 -21.30
C LYS C 182 18.28 9.10 -19.97
N LEU C 183 18.86 8.47 -18.94
CA LEU C 183 18.25 8.52 -17.62
C LEU C 183 18.27 9.93 -17.06
N ALA C 184 19.42 10.61 -17.17
CA ALA C 184 19.54 11.98 -16.71
C ALA C 184 18.59 12.93 -17.43
N ASP C 185 18.15 12.57 -18.64
CA ASP C 185 17.15 13.36 -19.34
C ASP C 185 15.81 13.37 -18.61
N LEU C 186 15.63 12.46 -17.64
CA LEU C 186 14.39 12.33 -16.89
C LEU C 186 14.53 12.76 -15.44
N ARG C 187 15.64 13.40 -15.07
CA ARG C 187 15.91 13.86 -13.71
C ARG C 187 14.73 14.60 -13.11
N ALA C 188 13.90 15.23 -13.95
CA ALA C 188 12.79 16.00 -13.41
C ALA C 188 11.44 15.66 -14.02
N VAL C 189 11.29 14.47 -14.61
CA VAL C 189 9.99 14.07 -15.14
C VAL C 189 9.20 13.39 -14.03
N GLU C 190 8.02 13.94 -13.73
CA GLU C 190 7.15 13.32 -12.74
C GLU C 190 6.66 11.98 -13.28
N LEU C 191 7.27 10.89 -12.81
CA LEU C 191 7.01 9.56 -13.35
C LEU C 191 5.91 8.85 -12.58
N THR C 192 5.06 8.12 -13.32
CA THR C 192 4.04 7.27 -12.76
C THR C 192 4.41 5.82 -13.05
N LEU C 193 4.71 5.07 -12.00
CA LEU C 193 5.25 3.73 -12.14
C LEU C 193 4.23 2.67 -11.71
N PHE C 194 4.75 1.45 -11.49
CA PHE C 194 4.01 0.21 -11.38
C PHE C 194 5.01 -0.94 -11.34
N PRO C 195 4.62 -2.16 -10.95
CA PRO C 195 3.29 -2.53 -10.47
C PRO C 195 3.17 -2.28 -8.96
N ARG C 196 1.97 -1.96 -8.50
CA ARG C 196 1.75 -1.59 -7.11
C ARG C 196 1.36 -2.83 -6.31
N GLY C 197 2.22 -3.25 -5.39
CA GLY C 197 1.87 -4.31 -4.47
C GLY C 197 2.37 -5.69 -4.83
N GLY C 198 3.05 -5.86 -5.96
CA GLY C 198 3.53 -7.16 -6.34
C GLY C 198 4.91 -7.49 -5.79
N ARG C 199 5.13 -7.20 -4.49
CA ARG C 199 6.44 -7.31 -3.86
C ARG C 199 7.41 -6.37 -4.58
N PRO C 200 8.72 -6.41 -4.29
CA PRO C 200 9.66 -5.70 -5.16
C PRO C 200 9.56 -6.11 -6.61
N SER C 201 9.12 -5.19 -7.47
CA SER C 201 9.01 -5.50 -8.89
C SER C 201 9.59 -4.36 -9.75
N PHE C 202 8.84 -3.94 -10.77
CA PHE C 202 9.40 -3.04 -11.78
C PHE C 202 9.79 -1.69 -11.19
N ALA C 203 8.86 -1.03 -10.51
CA ALA C 203 9.10 0.33 -10.02
C ALA C 203 10.33 0.39 -9.12
N ASP C 204 10.57 -0.67 -8.35
CA ASP C 204 11.70 -0.68 -7.42
C ASP C 204 13.02 -0.81 -8.16
N GLU C 205 13.01 -1.41 -9.35
CA GLU C 205 14.23 -1.45 -10.16
C GLU C 205 14.47 -0.12 -10.87
N VAL C 206 13.40 0.50 -11.38
CA VAL C 206 13.54 1.81 -12.00
C VAL C 206 14.06 2.82 -10.99
N ILE C 207 13.53 2.77 -9.77
CA ILE C 207 14.09 3.58 -8.68
C ILE C 207 15.54 3.23 -8.46
N GLY C 208 15.88 1.95 -8.60
CA GLY C 208 17.27 1.56 -8.48
C GLY C 208 18.12 2.08 -9.62
N LEU C 209 17.67 1.84 -10.86
CA LEU C 209 18.47 2.24 -12.03
C LEU C 209 18.76 3.73 -12.02
N PHE C 210 17.81 4.55 -11.58
CA PHE C 210 18.11 5.95 -11.34
C PHE C 210 19.11 6.11 -10.20
N LYS C 211 18.79 5.52 -9.04
CA LYS C 211 19.69 5.58 -7.89
C LYS C 211 21.07 5.07 -8.24
N HIS C 212 21.13 4.01 -9.07
CA HIS C 212 22.40 3.49 -9.53
C HIS C 212 23.14 4.51 -10.37
N ALA C 213 22.41 5.33 -11.12
CA ALA C 213 22.99 6.37 -11.94
C ALA C 213 23.11 7.70 -11.20
N GLY C 214 22.93 7.69 -9.89
CA GLY C 214 23.06 8.91 -9.11
C GLY C 214 21.92 9.88 -9.21
N ILE C 215 20.74 9.40 -9.60
CA ILE C 215 19.56 10.25 -9.76
C ILE C 215 18.50 9.75 -8.78
N GLU C 216 18.24 10.52 -7.74
CA GLU C 216 17.06 10.24 -6.93
C GLU C 216 15.85 10.74 -7.72
N PRO C 217 15.05 9.85 -8.29
CA PRO C 217 14.06 10.28 -9.29
C PRO C 217 12.82 10.91 -8.67
N ARG C 218 12.13 11.68 -9.49
CA ARG C 218 10.82 12.21 -9.12
C ARG C 218 9.77 11.14 -9.41
N ILE C 219 9.09 10.68 -8.36
CA ILE C 219 8.03 9.69 -8.47
C ILE C 219 6.72 10.35 -8.07
N ALA C 220 5.75 10.38 -8.98
CA ALA C 220 4.46 11.02 -8.74
C ALA C 220 3.40 10.03 -8.25
N ARG C 221 3.33 8.85 -8.84
CA ARG C 221 2.23 7.94 -8.56
C ARG C 221 2.68 6.51 -8.87
N VAL C 222 2.02 5.56 -8.22
CA VAL C 222 2.19 4.14 -8.52
C VAL C 222 0.80 3.51 -8.62
N VAL C 223 0.49 2.92 -9.76
CA VAL C 223 -0.83 2.35 -9.98
C VAL C 223 -0.71 0.84 -10.19
N GLU C 224 -1.83 0.18 -10.47
CA GLU C 224 -1.91 -1.28 -10.38
C GLU C 224 -0.92 -1.96 -11.32
N ASP C 225 -1.07 -1.73 -12.62
CA ASP C 225 -0.23 -2.41 -13.61
C ASP C 225 0.18 -1.40 -14.68
N ALA C 226 0.87 -1.91 -15.71
CA ALA C 226 1.31 -1.08 -16.82
C ALA C 226 0.13 -0.44 -17.53
N THR C 227 -0.95 -1.21 -17.71
CA THR C 227 -2.12 -0.70 -18.42
C THR C 227 -2.68 0.53 -17.73
N ALA C 228 -2.72 0.52 -16.39
CA ALA C 228 -3.23 1.66 -15.65
C ALA C 228 -2.30 2.86 -15.73
N ALA C 229 -0.99 2.62 -15.86
CA ALA C 229 -0.03 3.72 -15.94
C ALA C 229 -0.09 4.41 -17.30
N LEU C 230 -0.05 3.62 -18.38
CA LEU C 230 -0.17 4.21 -19.71
C LEU C 230 -1.52 4.89 -19.91
N ALA C 231 -2.55 4.44 -19.19
CA ALA C 231 -3.84 5.11 -19.24
C ALA C 231 -3.73 6.56 -18.76
N LEU C 232 -3.09 6.76 -17.61
CA LEU C 232 -2.87 8.12 -17.11
C LEU C 232 -1.90 8.91 -17.97
N THR C 233 -1.09 8.23 -18.80
CA THR C 233 -0.18 8.89 -19.71
C THR C 233 -0.88 9.30 -21.00
N MET C 234 -1.65 8.38 -21.59
CA MET C 234 -2.48 8.74 -22.74
C MET C 234 -3.62 9.68 -22.36
N ALA C 235 -3.74 10.05 -21.08
CA ALA C 235 -4.64 11.11 -20.65
C ALA C 235 -3.89 12.37 -20.22
N GLY C 236 -2.57 12.40 -20.40
CA GLY C 236 -1.76 13.55 -20.07
C GLY C 236 -1.42 13.71 -18.61
N ALA C 237 -2.12 13.02 -17.71
CA ALA C 237 -1.91 13.17 -16.28
C ALA C 237 -0.67 12.44 -15.78
N ALA C 238 0.14 11.87 -16.66
CA ALA C 238 1.29 11.10 -16.22
C ALA C 238 2.30 10.95 -17.34
N SER C 239 3.52 10.60 -16.94
CA SER C 239 4.58 10.18 -17.85
C SER C 239 5.25 8.97 -17.22
N SER C 240 5.36 7.89 -17.97
CA SER C 240 5.74 6.60 -17.39
C SER C 240 7.01 6.07 -18.05
N ILE C 241 7.42 4.88 -17.62
CA ILE C 241 8.56 4.15 -18.17
C ILE C 241 8.17 2.68 -18.26
N VAL C 242 8.20 2.14 -19.46
CA VAL C 242 7.79 0.75 -19.69
C VAL C 242 8.91 0.01 -20.43
N PRO C 243 8.98 -1.31 -20.29
CA PRO C 243 9.97 -2.09 -21.05
C PRO C 243 9.54 -2.27 -22.50
N ALA C 244 10.36 -3.04 -23.23
CA ALA C 244 10.17 -3.15 -24.68
C ALA C 244 8.88 -3.89 -25.04
N SER C 245 8.45 -4.85 -24.22
CA SER C 245 7.22 -5.59 -24.53
C SER C 245 6.02 -4.66 -24.57
N VAL C 246 5.95 -3.71 -23.64
CA VAL C 246 4.80 -2.81 -23.57
C VAL C 246 4.83 -1.82 -24.73
N ALA C 247 6.03 -1.39 -25.15
CA ALA C 247 6.17 -0.40 -26.21
C ALA C 247 6.09 -1.01 -27.60
N ALA C 248 6.46 -2.28 -27.76
CA ALA C 248 6.31 -2.94 -29.05
C ALA C 248 4.86 -2.95 -29.52
N ILE C 249 3.92 -2.78 -28.61
CA ILE C 249 2.52 -2.57 -28.96
C ILE C 249 2.34 -1.09 -29.29
N ARG C 250 1.65 -0.80 -30.39
CA ARG C 250 1.37 0.58 -30.76
C ARG C 250 0.19 1.08 -29.92
N TRP C 251 0.47 1.91 -28.91
CA TRP C 251 -0.52 2.45 -27.97
C TRP C 251 -1.02 3.81 -28.46
N PRO C 252 -2.31 4.11 -28.29
CA PRO C 252 -2.83 5.38 -28.81
C PRO C 252 -2.35 6.56 -27.98
N ASP C 253 -2.04 7.66 -28.69
CA ASP C 253 -1.71 8.94 -28.08
C ASP C 253 -0.54 8.86 -27.10
N ILE C 254 0.32 7.86 -27.22
CA ILE C 254 1.48 7.69 -26.35
C ILE C 254 2.73 7.63 -27.20
N ALA C 255 3.74 8.40 -26.82
CA ALA C 255 5.03 8.41 -27.50
C ALA C 255 6.06 7.76 -26.59
N PHE C 256 6.66 6.67 -27.06
CA PHE C 256 7.73 5.99 -26.35
C PHE C 256 9.08 6.44 -26.88
N ALA C 257 10.02 6.69 -25.96
CA ALA C 257 11.37 7.10 -26.32
C ALA C 257 12.35 6.20 -25.61
N ARG C 258 13.29 5.63 -26.35
CA ARG C 258 14.25 4.69 -25.77
C ARG C 258 15.10 5.38 -24.72
N ILE C 259 15.42 4.63 -23.67
CA ILE C 259 16.37 5.07 -22.66
C ILE C 259 17.75 4.54 -23.06
N VAL C 260 18.70 5.45 -23.23
CA VAL C 260 20.06 5.09 -23.62
C VAL C 260 20.95 5.05 -22.39
N GLY C 261 21.77 4.02 -22.29
CA GLY C 261 22.67 3.86 -21.16
C GLY C 261 23.36 2.53 -21.22
N THR C 262 24.34 2.37 -20.32
CA THR C 262 25.15 1.16 -20.30
C THR C 262 24.63 0.11 -19.33
N ARG C 263 23.56 0.41 -18.58
CA ARG C 263 23.02 -0.55 -17.62
C ARG C 263 21.53 -0.33 -17.45
N VAL C 264 20.82 -0.18 -18.56
CA VAL C 264 19.41 0.20 -18.56
C VAL C 264 18.52 -0.90 -19.14
N LYS C 265 18.97 -2.15 -19.11
CA LYS C 265 18.20 -3.27 -19.62
C LYS C 265 17.49 -4.00 -18.47
N VAL C 266 16.32 -4.54 -18.78
CA VAL C 266 15.60 -5.42 -17.85
C VAL C 266 15.45 -6.78 -18.52
N PRO C 267 15.45 -7.87 -17.75
CA PRO C 267 15.48 -9.20 -18.38
C PRO C 267 14.13 -9.88 -18.45
N ILE C 268 14.08 -10.93 -19.26
CA ILE C 268 12.98 -11.90 -19.29
C ILE C 268 13.48 -13.15 -18.58
N SER C 269 12.66 -13.72 -17.71
CA SER C 269 13.14 -14.85 -16.92
C SER C 269 12.01 -15.81 -16.61
N CYS C 270 12.33 -17.10 -16.62
CA CYS C 270 11.42 -18.13 -16.14
C CYS C 270 12.11 -18.94 -15.04
N ILE C 271 11.29 -19.60 -14.23
CA ILE C 271 11.79 -20.38 -13.11
C ILE C 271 11.10 -21.73 -13.12
N PHE C 272 11.81 -22.76 -12.64
CA PHE C 272 11.29 -24.12 -12.64
C PHE C 272 11.95 -24.91 -11.51
N ARG C 273 11.19 -25.83 -10.93
CA ARG C 273 11.72 -26.70 -9.89
C ARG C 273 12.58 -27.78 -10.56
N LYS C 274 13.87 -27.81 -10.21
CA LYS C 274 14.83 -28.68 -10.89
C LYS C 274 14.84 -30.10 -10.36
N GLU C 275 13.94 -30.45 -9.44
CA GLU C 275 14.02 -31.75 -8.77
C GLU C 275 13.43 -32.86 -9.62
N LYS C 276 12.11 -32.91 -9.72
CA LYS C 276 11.41 -33.91 -10.52
C LYS C 276 10.63 -33.19 -11.62
N GLN C 277 11.30 -32.96 -12.76
CA GLN C 277 10.69 -32.18 -13.83
C GLN C 277 9.85 -33.09 -14.74
N PRO C 278 8.62 -32.70 -15.06
CA PRO C 278 7.85 -33.44 -16.06
C PRO C 278 8.50 -33.34 -17.42
N PRO C 279 8.21 -34.30 -18.33
CA PRO C 279 8.93 -34.31 -19.61
C PRO C 279 8.55 -33.16 -20.53
N ILE C 280 7.34 -32.61 -20.41
CA ILE C 280 6.97 -31.48 -21.27
C ILE C 280 7.79 -30.24 -20.90
N LEU C 281 8.03 -30.02 -19.61
CA LEU C 281 8.90 -28.93 -19.20
C LEU C 281 10.32 -29.15 -19.70
N ALA C 282 10.77 -30.41 -19.74
CA ALA C 282 12.07 -30.72 -20.32
C ALA C 282 12.10 -30.36 -21.81
N ARG C 283 11.08 -30.77 -22.55
CA ARG C 283 10.98 -30.32 -23.94
C ARG C 283 10.86 -28.82 -24.03
N PHE C 284 10.38 -28.18 -22.95
CA PHE C 284 10.29 -26.72 -22.91
C PHE C 284 11.61 -26.08 -22.49
N VAL C 285 12.28 -26.63 -21.48
CA VAL C 285 13.53 -26.02 -21.03
C VAL C 285 14.62 -26.19 -22.09
N GLU C 286 14.57 -27.28 -22.87
CA GLU C 286 15.50 -27.44 -23.98
C GLU C 286 15.25 -26.46 -25.11
N HIS C 287 14.13 -25.72 -25.06
CA HIS C 287 13.81 -24.72 -26.06
C HIS C 287 14.11 -23.30 -25.61
N VAL C 288 14.01 -23.02 -24.30
CA VAL C 288 14.29 -21.67 -23.82
C VAL C 288 15.78 -21.41 -23.74
N ARG C 289 16.56 -22.43 -23.36
CA ARG C 289 18.01 -22.26 -23.34
C ARG C 289 18.57 -22.04 -24.74
N ARG C 290 17.96 -22.68 -25.75
CA ARG C 290 18.39 -22.47 -27.12
C ARG C 290 18.09 -21.05 -27.60
N SER C 291 17.28 -20.29 -26.87
CA SER C 291 16.98 -18.92 -27.25
C SER C 291 18.12 -17.97 -26.95
N ALA C 292 19.06 -18.35 -26.08
CA ALA C 292 20.18 -17.49 -25.73
C ALA C 292 21.20 -17.40 -26.85
N MET D 1 -15.34 -39.68 -11.02
CA MET D 1 -14.22 -39.30 -10.17
C MET D 1 -14.60 -39.24 -8.70
N GLU D 2 -14.37 -40.34 -7.98
CA GLU D 2 -14.54 -40.41 -6.54
C GLU D 2 -13.32 -41.06 -5.92
N PHE D 3 -13.20 -40.92 -4.60
CA PHE D 3 -11.96 -41.27 -3.91
C PHE D 3 -11.71 -42.78 -3.91
N ARG D 4 -12.76 -43.60 -3.88
CA ARG D 4 -12.57 -45.03 -3.75
C ARG D 4 -11.77 -45.60 -4.93
N GLN D 5 -12.01 -45.08 -6.13
CA GLN D 5 -11.27 -45.55 -7.29
C GLN D 5 -9.80 -45.16 -7.23
N LEU D 6 -9.49 -44.03 -6.57
CA LEU D 6 -8.11 -43.60 -6.46
C LEU D 6 -7.29 -44.54 -5.60
N LYS D 7 -7.84 -44.99 -4.47
CA LYS D 7 -7.14 -45.97 -3.66
C LYS D 7 -7.02 -47.31 -4.38
N TYR D 8 -8.01 -47.66 -5.22
CA TYR D 8 -7.96 -48.94 -5.91
C TYR D 8 -6.93 -48.94 -7.02
N PHE D 9 -7.01 -47.97 -7.94
CA PHE D 9 -6.13 -47.97 -9.11
C PHE D 9 -4.66 -47.97 -8.72
N ILE D 10 -4.33 -47.29 -7.62
CA ILE D 10 -2.96 -47.33 -7.11
C ILE D 10 -2.65 -48.73 -6.58
N ALA D 11 -3.58 -49.33 -5.84
CA ALA D 11 -3.37 -50.69 -5.36
C ALA D 11 -3.33 -51.68 -6.52
N VAL D 12 -4.12 -51.44 -7.55
CA VAL D 12 -4.09 -52.31 -8.73
C VAL D 12 -2.74 -52.21 -9.42
N ALA D 13 -2.17 -51.00 -9.48
CA ALA D 13 -0.85 -50.83 -10.08
C ALA D 13 0.25 -51.34 -9.17
N GLU D 14 0.16 -51.05 -7.86
CA GLU D 14 1.17 -51.48 -6.92
C GLU D 14 1.19 -53.00 -6.77
N ALA D 15 0.06 -53.66 -7.01
CA ALA D 15 0.04 -55.12 -6.92
C ALA D 15 0.42 -55.77 -8.24
N GLY D 16 0.19 -55.09 -9.36
CA GLY D 16 0.53 -55.63 -10.66
C GLY D 16 -0.53 -56.59 -11.17
N ASN D 17 -1.39 -57.02 -10.24
CA ASN D 17 -2.51 -57.90 -10.54
C ASN D 17 -3.66 -57.48 -9.65
N MET D 18 -4.79 -57.13 -10.27
CA MET D 18 -5.96 -56.64 -9.52
C MET D 18 -6.42 -57.63 -8.46
N ALA D 19 -6.09 -58.92 -8.60
CA ALA D 19 -6.49 -59.90 -7.60
C ALA D 19 -5.78 -59.66 -6.28
N ALA D 20 -4.48 -59.39 -6.32
CA ALA D 20 -3.73 -59.10 -5.10
C ALA D 20 -4.13 -57.77 -4.49
N ALA D 21 -4.64 -56.84 -5.29
CA ALA D 21 -5.05 -55.54 -4.76
C ALA D 21 -6.21 -55.68 -3.78
N ALA D 22 -7.20 -56.51 -4.13
CA ALA D 22 -8.40 -56.62 -3.31
C ALA D 22 -8.07 -57.11 -1.90
N LYS D 23 -7.02 -57.93 -1.77
CA LYS D 23 -6.66 -58.46 -0.46
C LYS D 23 -6.04 -57.38 0.42
N ARG D 24 -5.04 -56.68 -0.11
CA ARG D 24 -4.46 -55.52 0.56
C ARG D 24 -5.50 -54.48 0.93
N LEU D 25 -6.62 -54.43 0.20
CA LEU D 25 -7.69 -53.49 0.48
C LEU D 25 -8.81 -54.09 1.34
N HIS D 26 -8.72 -55.38 1.68
CA HIS D 26 -9.73 -56.05 2.52
C HIS D 26 -11.12 -56.00 1.90
N VAL D 27 -11.19 -56.19 0.58
CA VAL D 27 -12.45 -56.24 -0.15
C VAL D 27 -12.39 -57.41 -1.12
N SER D 28 -13.54 -57.73 -1.69
CA SER D 28 -13.60 -58.75 -2.73
C SER D 28 -13.11 -58.18 -4.06
N GLN D 29 -12.73 -59.08 -4.96
CA GLN D 29 -12.13 -58.70 -6.23
C GLN D 29 -13.09 -58.05 -7.22
N PRO D 30 -14.34 -58.51 -7.36
CA PRO D 30 -15.24 -57.91 -8.37
C PRO D 30 -15.41 -56.42 -8.21
N PRO D 31 -15.44 -55.86 -6.98
CA PRO D 31 -15.37 -54.39 -6.87
C PRO D 31 -14.17 -53.79 -7.61
N ILE D 32 -12.98 -54.35 -7.41
CA ILE D 32 -11.75 -53.85 -8.03
C ILE D 32 -11.96 -53.63 -9.53
N THR D 33 -12.23 -54.72 -10.25
CA THR D 33 -12.38 -54.61 -11.70
C THR D 33 -13.58 -53.76 -12.09
N ARG D 34 -14.66 -53.82 -11.30
CA ARG D 34 -15.84 -53.02 -11.62
C ARG D 34 -15.58 -51.54 -11.41
N GLN D 35 -14.88 -51.18 -10.33
CA GLN D 35 -14.54 -49.77 -10.11
C GLN D 35 -13.65 -49.24 -11.24
N MET D 36 -12.74 -50.07 -11.75
CA MET D 36 -11.83 -49.61 -12.80
C MET D 36 -12.57 -49.36 -14.11
N GLN D 37 -13.70 -50.02 -14.33
CA GLN D 37 -14.53 -49.71 -15.50
C GLN D 37 -15.13 -48.32 -15.36
N ALA D 38 -15.79 -48.05 -14.23
CA ALA D 38 -16.37 -46.72 -14.01
C ALA D 38 -15.30 -45.64 -13.95
N LEU D 39 -14.09 -45.98 -13.46
CA LEU D 39 -13.00 -45.03 -13.45
C LEU D 39 -12.56 -44.68 -14.87
N GLU D 40 -12.37 -45.69 -15.72
CA GLU D 40 -12.00 -45.44 -17.10
C GLU D 40 -13.16 -44.95 -17.95
N ALA D 41 -14.38 -44.98 -17.43
CA ALA D 41 -15.53 -44.42 -18.13
C ALA D 41 -15.75 -42.96 -17.76
N ASP D 42 -15.52 -42.59 -16.50
CA ASP D 42 -15.57 -41.19 -16.11
C ASP D 42 -14.40 -40.42 -16.72
N LEU D 43 -13.23 -41.06 -16.81
CA LEU D 43 -12.08 -40.43 -17.45
C LEU D 43 -12.17 -40.51 -18.97
N GLY D 44 -12.61 -41.65 -19.49
CA GLY D 44 -12.66 -41.84 -20.92
C GLY D 44 -11.30 -42.11 -21.53
N VAL D 45 -10.62 -43.13 -21.01
CA VAL D 45 -9.28 -43.50 -21.48
C VAL D 45 -8.96 -44.88 -20.92
N VAL D 46 -7.97 -45.57 -21.50
CA VAL D 46 -7.61 -46.92 -21.09
C VAL D 46 -6.37 -46.85 -20.20
N LEU D 47 -6.53 -47.28 -18.95
CA LEU D 47 -5.43 -47.28 -18.00
C LEU D 47 -4.73 -48.63 -17.90
N LEU D 48 -5.47 -49.72 -18.09
CA LEU D 48 -4.96 -51.05 -17.77
C LEU D 48 -5.24 -52.01 -18.91
N GLU D 49 -4.21 -52.76 -19.32
CA GLU D 49 -4.37 -53.87 -20.24
C GLU D 49 -4.38 -55.16 -19.43
N ARG D 50 -5.41 -55.97 -19.61
CA ARG D 50 -5.59 -57.19 -18.83
C ARG D 50 -5.14 -58.41 -19.63
N SER D 51 -4.34 -59.26 -19.00
CA SER D 51 -3.96 -60.56 -19.53
C SER D 51 -4.40 -61.61 -18.50
N HIS D 52 -4.01 -62.87 -18.71
CA HIS D 52 -4.33 -63.88 -17.72
C HIS D 52 -3.33 -63.87 -16.59
N ARG D 53 -2.27 -63.06 -16.69
CA ARG D 53 -1.19 -63.04 -15.74
C ARG D 53 -1.18 -61.80 -14.86
N GLY D 54 -2.11 -60.88 -15.08
CA GLY D 54 -2.19 -59.65 -14.34
C GLY D 54 -2.49 -58.49 -15.26
N ILE D 55 -2.11 -57.30 -14.82
CA ILE D 55 -2.34 -56.08 -15.60
C ILE D 55 -1.01 -55.51 -16.06
N GLU D 56 -1.07 -54.32 -16.66
CA GLU D 56 0.08 -53.47 -16.89
C GLU D 56 -0.46 -52.09 -17.24
N LEU D 57 0.14 -51.05 -16.67
CA LEU D 57 -0.36 -49.70 -16.86
C LEU D 57 -0.10 -49.23 -18.29
N THR D 58 -1.15 -48.70 -18.93
CA THR D 58 -0.99 -48.06 -20.22
C THR D 58 -0.30 -46.71 -20.04
N ALA D 59 -0.18 -45.95 -21.14
CA ALA D 59 0.37 -44.61 -21.03
C ALA D 59 -0.49 -43.75 -20.09
N ALA D 60 -1.81 -43.89 -20.19
CA ALA D 60 -2.69 -43.22 -19.24
C ALA D 60 -2.57 -43.83 -17.86
N GLY D 61 -2.17 -45.10 -17.78
CA GLY D 61 -1.98 -45.72 -16.48
C GLY D 61 -0.94 -45.00 -15.63
N HIS D 62 0.26 -44.81 -16.18
CA HIS D 62 1.31 -44.09 -15.46
C HIS D 62 0.93 -42.62 -15.27
N ALA D 63 0.45 -41.98 -16.35
CA ALA D 63 0.15 -40.55 -16.29
C ALA D 63 -0.89 -40.22 -15.25
N PHE D 64 -1.88 -41.09 -15.06
CA PHE D 64 -2.90 -40.87 -14.04
C PHE D 64 -2.49 -41.43 -12.68
N LEU D 65 -1.56 -42.39 -12.64
CA LEU D 65 -1.11 -42.92 -11.37
C LEU D 65 -0.40 -41.85 -10.54
N GLU D 66 0.28 -40.91 -11.19
CA GLU D 66 0.92 -39.82 -10.46
C GLU D 66 -0.13 -38.83 -9.95
N ASP D 67 -1.06 -38.43 -10.81
CA ASP D 67 -2.17 -37.57 -10.39
C ASP D 67 -2.97 -38.20 -9.25
N ALA D 68 -3.05 -39.53 -9.22
CA ALA D 68 -3.85 -40.21 -8.20
C ALA D 68 -3.24 -40.04 -6.82
N ARG D 69 -1.95 -40.36 -6.65
CA ARG D 69 -1.32 -40.19 -5.35
C ARG D 69 -1.30 -38.72 -4.93
N ARG D 70 -1.19 -37.80 -5.88
CA ARG D 70 -1.18 -36.38 -5.53
C ARG D 70 -2.53 -35.95 -4.96
N ILE D 71 -3.63 -36.43 -5.55
CA ILE D 71 -4.95 -36.10 -5.02
C ILE D 71 -5.15 -36.71 -3.65
N LEU D 72 -4.55 -37.89 -3.41
CA LEU D 72 -4.79 -38.60 -2.17
C LEU D 72 -3.95 -38.09 -1.00
N GLU D 73 -2.81 -37.44 -1.25
CA GLU D 73 -2.13 -36.74 -0.16
C GLU D 73 -2.99 -35.60 0.37
N LEU D 74 -3.45 -34.73 -0.52
CA LEU D 74 -4.17 -33.54 -0.10
C LEU D 74 -5.46 -33.90 0.62
N ALA D 75 -6.20 -34.89 0.10
CA ALA D 75 -7.41 -35.34 0.77
C ALA D 75 -7.13 -35.71 2.22
N GLY D 76 -6.04 -36.44 2.46
CA GLY D 76 -5.69 -36.77 3.83
C GLY D 76 -5.08 -35.59 4.57
N ARG D 77 -4.29 -34.78 3.87
CA ARG D 77 -3.56 -33.68 4.51
C ARG D 77 -4.39 -32.40 4.61
N SER D 78 -5.48 -32.29 3.84
CA SER D 78 -6.38 -31.16 4.00
C SER D 78 -7.12 -31.18 5.32
N GLY D 79 -7.32 -32.37 5.90
CA GLY D 79 -7.95 -32.44 7.20
C GLY D 79 -7.08 -31.90 8.31
N ASP D 80 -5.78 -32.17 8.23
CA ASP D 80 -4.85 -31.66 9.24
C ASP D 80 -4.61 -30.17 9.09
N ARG D 81 -4.71 -29.63 7.86
CA ARG D 81 -4.55 -28.19 7.67
C ARG D 81 -5.74 -27.42 8.22
N SER D 82 -6.95 -27.96 8.06
CA SER D 82 -8.17 -27.28 8.51
C SER D 82 -8.30 -27.28 10.03
N ARG D 83 -7.84 -28.34 10.70
CA ARG D 83 -7.89 -28.35 12.16
C ARG D 83 -6.98 -27.29 12.75
N ALA D 84 -5.84 -27.04 12.10
CA ALA D 84 -4.92 -26.02 12.60
C ALA D 84 -5.52 -24.63 12.49
N ALA D 85 -6.21 -24.34 11.38
CA ALA D 85 -6.83 -23.04 11.20
C ALA D 85 -7.89 -22.79 12.27
N ALA D 86 -8.76 -23.76 12.49
CA ALA D 86 -9.77 -23.63 13.54
C ALA D 86 -9.12 -23.54 14.91
N ARG D 87 -8.02 -24.28 15.12
CA ARG D 87 -7.36 -24.26 16.42
C ARG D 87 -6.66 -22.95 16.70
N GLY D 88 -6.46 -22.11 15.68
CA GLY D 88 -5.67 -20.91 15.85
C GLY D 88 -4.17 -21.13 15.81
N ASP D 89 -3.74 -22.36 15.49
CA ASP D 89 -2.32 -22.64 15.36
C ASP D 89 -1.67 -21.87 14.22
N VAL D 90 -2.45 -21.43 13.24
CA VAL D 90 -1.96 -20.74 12.05
C VAL D 90 -2.83 -19.52 11.82
N GLY D 91 -2.20 -18.42 11.40
CA GLY D 91 -2.91 -17.21 11.05
C GLY D 91 -2.02 -16.00 11.26
N GLU D 92 -2.31 -14.93 10.51
CA GLU D 92 -1.60 -13.67 10.62
C GLU D 92 -2.40 -12.74 11.53
N LEU D 93 -1.85 -12.45 12.71
CA LEU D 93 -2.46 -11.49 13.62
C LEU D 93 -2.15 -10.08 13.13
N SER D 94 -3.15 -9.40 12.56
CA SER D 94 -2.98 -8.06 12.03
C SER D 94 -3.14 -7.05 13.17
N VAL D 95 -2.04 -6.62 13.72
CA VAL D 95 -2.05 -5.66 14.81
C VAL D 95 -1.96 -4.25 14.25
N ALA D 96 -2.59 -3.31 14.96
CA ALA D 96 -2.45 -1.89 14.69
C ALA D 96 -2.01 -1.19 15.97
N TYR D 97 -1.09 -0.25 15.84
CA TYR D 97 -0.49 0.40 17.00
C TYR D 97 -0.64 1.91 16.85
N PHE D 98 -0.40 2.61 17.95
CA PHE D 98 -0.39 4.07 17.94
C PHE D 98 0.43 4.55 19.12
N GLY D 99 1.52 5.26 18.85
CA GLY D 99 2.22 5.98 19.90
C GLY D 99 3.41 5.28 20.49
N THR D 100 3.55 5.39 21.81
CA THR D 100 4.73 5.00 22.57
C THR D 100 4.86 3.52 22.94
N PRO D 101 3.79 2.70 22.97
CA PRO D 101 4.01 1.28 23.27
C PRO D 101 4.84 0.55 22.22
N ILE D 102 4.97 1.10 21.00
CA ILE D 102 5.70 0.41 19.95
C ILE D 102 7.18 0.29 20.27
N TYR D 103 7.69 1.11 21.20
CA TYR D 103 9.12 1.12 21.47
C TYR D 103 9.56 -0.11 22.24
N ARG D 104 8.67 -0.66 23.06
CA ARG D 104 9.04 -1.78 23.92
C ARG D 104 7.85 -2.65 24.32
N SER D 105 6.76 -2.04 24.77
CA SER D 105 5.62 -2.78 25.29
C SER D 105 5.04 -3.75 24.27
N LEU D 106 4.43 -3.23 23.21
CA LEU D 106 3.85 -4.10 22.18
C LEU D 106 4.84 -5.10 21.60
N PRO D 107 6.11 -4.76 21.32
CA PRO D 107 7.06 -5.81 20.89
C PRO D 107 7.09 -7.01 21.82
N LEU D 108 7.22 -6.78 23.13
CA LEU D 108 7.31 -7.89 24.07
C LEU D 108 5.99 -8.67 24.16
N LEU D 109 4.85 -7.99 23.99
CA LEU D 109 3.59 -8.71 23.98
C LEU D 109 3.45 -9.57 22.72
N LEU D 110 3.82 -9.00 21.58
CA LEU D 110 3.86 -9.79 20.35
C LEU D 110 4.87 -10.93 20.48
N ARG D 111 6.00 -10.67 21.12
CA ARG D 111 7.01 -11.70 21.32
C ARG D 111 6.48 -12.82 22.21
N ALA D 112 5.78 -12.46 23.28
CA ALA D 112 5.26 -13.47 24.19
C ALA D 112 4.14 -14.28 23.55
N PHE D 113 3.32 -13.64 22.72
CA PHE D 113 2.29 -14.38 21.98
C PHE D 113 2.91 -15.30 20.96
N LEU D 114 3.91 -14.81 20.22
CA LEU D 114 4.54 -15.62 19.18
C LEU D 114 5.35 -16.75 19.78
N THR D 115 5.96 -16.52 20.95
CA THR D 115 6.63 -17.61 21.67
C THR D 115 5.63 -18.71 22.03
N SER D 116 4.38 -18.35 22.33
CA SER D 116 3.35 -19.30 22.69
C SER D 116 2.52 -19.79 21.50
N THR D 117 2.69 -19.19 20.32
CA THR D 117 2.01 -19.63 19.10
C THR D 117 2.99 -19.49 17.95
N PRO D 118 3.95 -20.42 17.84
CA PRO D 118 5.09 -20.19 16.94
C PRO D 118 4.77 -20.33 15.47
N THR D 119 3.69 -21.02 15.11
CA THR D 119 3.29 -21.17 13.72
C THR D 119 2.43 -20.01 13.22
N ALA D 120 2.49 -18.85 13.88
CA ALA D 120 1.70 -17.68 13.54
C ALA D 120 2.61 -16.57 13.02
N THR D 121 1.99 -15.47 12.58
CA THR D 121 2.69 -14.30 12.08
C THR D 121 1.99 -13.04 12.57
N VAL D 122 2.58 -11.89 12.26
CA VAL D 122 2.07 -10.58 12.69
C VAL D 122 2.27 -9.59 11.55
N SER D 123 1.23 -8.82 11.25
CA SER D 123 1.34 -7.67 10.36
C SER D 123 1.09 -6.41 11.17
N LEU D 124 2.11 -5.56 11.25
CA LEU D 124 2.09 -4.37 12.10
C LEU D 124 1.87 -3.14 11.23
N THR D 125 0.65 -2.61 11.26
CA THR D 125 0.35 -1.33 10.65
C THR D 125 0.11 -0.29 11.73
N HIS D 126 0.15 0.98 11.33
CA HIS D 126 0.07 2.10 12.26
C HIS D 126 -1.21 2.87 12.01
N MET D 127 -1.99 3.08 13.06
CA MET D 127 -3.30 3.69 12.91
C MET D 127 -3.59 4.59 14.09
N THR D 128 -4.43 5.60 13.85
CA THR D 128 -4.94 6.42 14.93
C THR D 128 -6.03 5.66 15.69
N LYS D 129 -6.28 6.11 16.93
CA LYS D 129 -7.32 5.47 17.73
C LYS D 129 -8.65 5.46 17.01
N ASP D 130 -8.90 6.48 16.19
CA ASP D 130 -10.12 6.53 15.39
C ASP D 130 -10.04 5.57 14.20
N GLU D 131 -8.88 5.50 13.53
CA GLU D 131 -8.72 4.53 12.45
C GLU D 131 -8.79 3.09 12.96
N GLN D 132 -8.30 2.85 14.18
CA GLN D 132 -8.39 1.52 14.76
C GLN D 132 -9.84 1.08 14.90
N VAL D 133 -10.62 1.85 15.67
CA VAL D 133 -12.03 1.52 15.88
C VAL D 133 -12.78 1.50 14.55
N GLU D 134 -12.55 2.51 13.70
CA GLU D 134 -13.15 2.50 12.37
C GLU D 134 -12.65 1.35 11.51
N GLY D 135 -11.58 0.67 11.93
CA GLY D 135 -11.09 -0.50 11.24
C GLY D 135 -11.43 -1.79 11.95
N LEU D 136 -11.37 -1.78 13.29
CA LEU D 136 -11.77 -2.96 14.06
C LEU D 136 -13.21 -3.34 13.77
N LEU D 137 -14.11 -2.36 13.75
CA LEU D 137 -15.51 -2.62 13.44
C LEU D 137 -15.66 -3.23 12.05
N ALA D 138 -15.00 -2.65 11.06
CA ALA D 138 -15.04 -3.21 9.71
C ALA D 138 -14.35 -4.57 9.66
N GLY D 139 -13.19 -4.69 10.31
CA GLY D 139 -12.46 -5.95 10.38
C GLY D 139 -11.08 -5.94 9.76
N THR D 140 -10.62 -4.82 9.19
CA THR D 140 -9.29 -4.80 8.57
C THR D 140 -8.17 -5.01 9.58
N ILE D 141 -8.43 -4.74 10.85
CA ILE D 141 -7.43 -4.86 11.91
C ILE D 141 -7.94 -5.87 12.94
N HIS D 142 -7.03 -6.74 13.40
CA HIS D 142 -7.40 -7.69 14.44
C HIS D 142 -7.43 -7.00 15.80
N VAL D 143 -6.28 -6.63 16.34
CA VAL D 143 -6.18 -5.94 17.62
C VAL D 143 -5.51 -4.59 17.42
N GLY D 144 -5.96 -3.60 18.19
CA GLY D 144 -5.36 -2.27 18.20
C GLY D 144 -4.69 -2.02 19.55
N PHE D 145 -3.51 -1.40 19.49
CA PHE D 145 -2.73 -1.14 20.69
C PHE D 145 -2.45 0.35 20.80
N SER D 146 -2.73 0.93 21.96
CA SER D 146 -2.38 2.31 22.26
C SER D 146 -2.57 2.52 23.76
N ARG D 147 -2.49 3.79 24.18
CA ARG D 147 -2.53 4.13 25.60
C ARG D 147 -3.95 4.18 26.13
N PHE D 148 -4.74 5.15 25.66
CA PHE D 148 -6.05 5.45 26.23
C PHE D 148 -7.10 5.28 25.15
N PHE D 149 -8.03 4.36 25.38
CA PHE D 149 -9.05 4.12 24.39
C PHE D 149 -10.42 4.56 24.90
N PRO D 150 -11.20 5.23 24.06
CA PRO D 150 -12.55 5.65 24.48
C PRO D 150 -13.52 4.48 24.40
N ARG D 151 -14.39 4.40 25.40
CA ARG D 151 -15.43 3.38 25.41
C ARG D 151 -16.34 3.56 24.20
N HIS D 152 -16.37 2.56 23.33
CA HIS D 152 -17.16 2.58 22.11
C HIS D 152 -17.99 1.31 22.01
N PRO D 153 -19.20 1.41 21.45
CA PRO D 153 -20.04 0.21 21.32
C PRO D 153 -19.44 -0.78 20.32
N GLY D 154 -19.51 -2.06 20.66
CA GLY D 154 -19.03 -3.12 19.80
C GLY D 154 -17.62 -3.59 20.08
N ILE D 155 -16.82 -2.79 20.78
CA ILE D 155 -15.42 -3.14 21.04
C ILE D 155 -15.27 -3.53 22.50
N GLU D 156 -14.03 -3.76 22.92
CA GLU D 156 -13.77 -4.17 24.31
C GLU D 156 -12.36 -3.75 24.69
N ILE D 157 -12.24 -2.94 25.73
CA ILE D 157 -10.95 -2.43 26.18
C ILE D 157 -10.34 -3.42 27.17
N VAL D 158 -9.03 -3.61 27.10
CA VAL D 158 -8.34 -4.50 28.03
C VAL D 158 -7.10 -3.78 28.56
N ASN D 159 -7.21 -3.20 29.75
CA ASN D 159 -6.07 -2.53 30.40
C ASN D 159 -5.21 -3.59 31.05
N ILE D 160 -4.13 -3.98 30.36
CA ILE D 160 -3.33 -5.13 30.75
C ILE D 160 -2.26 -4.77 31.78
N ALA D 161 -1.45 -3.75 31.51
CA ALA D 161 -0.33 -3.40 32.38
C ALA D 161 -0.22 -1.89 32.50
N GLN D 162 0.57 -1.46 33.48
CA GLN D 162 0.82 -0.04 33.73
C GLN D 162 2.31 0.25 33.58
N GLU D 163 2.61 1.46 33.15
CA GLU D 163 4.00 1.92 32.97
C GLU D 163 4.21 3.18 33.78
N ASP D 164 5.26 3.18 34.61
CA ASP D 164 5.64 4.41 35.28
C ASP D 164 6.11 5.44 34.25
N LEU D 165 6.15 6.69 34.69
CA LEU D 165 6.60 7.78 33.83
C LEU D 165 8.00 8.22 34.23
N TYR D 166 8.74 8.77 33.27
CA TYR D 166 10.15 9.10 33.45
C TYR D 166 10.43 10.49 32.89
N LEU D 167 11.01 11.35 33.72
CA LEU D 167 11.52 12.64 33.24
C LEU D 167 12.63 12.41 32.22
N ALA D 168 12.44 12.95 31.02
CA ALA D 168 13.47 12.89 29.99
C ALA D 168 14.15 14.26 29.91
N VAL D 169 15.45 14.30 30.23
CA VAL D 169 16.23 15.52 30.19
C VAL D 169 17.61 15.15 29.65
N HIS D 170 18.39 16.18 29.31
CA HIS D 170 19.65 15.98 28.64
C HIS D 170 20.69 15.40 29.60
N ARG D 171 21.74 14.80 29.02
CA ARG D 171 22.78 14.18 29.83
C ARG D 171 23.57 15.20 30.64
N SER D 172 23.69 16.43 30.15
CA SER D 172 24.37 17.47 30.89
C SER D 172 23.55 17.91 32.08
N GLN D 173 22.23 18.04 31.90
CA GLN D 173 21.31 18.55 32.90
C GLN D 173 20.92 17.49 33.94
N SER D 174 21.59 16.34 33.90
CA SER D 174 21.13 15.09 34.52
C SER D 174 21.30 15.08 36.02
N GLY D 175 22.10 15.97 36.58
CA GLY D 175 22.27 15.93 38.02
C GLY D 175 21.33 16.83 38.78
N LYS D 176 20.27 17.33 38.14
CA LYS D 176 19.40 18.33 38.71
C LYS D 176 18.18 17.74 39.42
N PHE D 177 17.89 16.46 39.22
CA PHE D 177 16.68 15.88 39.79
C PHE D 177 16.87 14.52 40.43
N GLY D 178 17.96 13.82 40.21
CA GLY D 178 18.24 12.56 40.85
C GLY D 178 17.80 11.36 40.03
N LYS D 179 18.13 10.18 40.54
CA LYS D 179 17.74 8.94 39.88
C LYS D 179 16.23 8.78 39.82
N THR D 180 15.52 9.30 40.82
CA THR D 180 14.07 9.36 40.82
C THR D 180 13.65 10.76 41.26
N CYS D 181 12.37 11.07 41.10
CA CYS D 181 11.84 12.34 41.56
C CYS D 181 10.32 12.27 41.59
N LYS D 182 9.73 13.08 42.46
CA LYS D 182 8.29 13.19 42.55
C LYS D 182 7.78 14.17 41.50
N LEU D 183 6.44 14.23 41.37
CA LEU D 183 5.85 15.07 40.34
C LEU D 183 6.12 16.54 40.61
N ALA D 184 6.16 16.92 41.88
CA ALA D 184 6.26 18.33 42.25
C ALA D 184 7.65 18.88 42.04
N ASP D 185 8.67 18.02 42.01
CA ASP D 185 10.02 18.50 41.73
C ASP D 185 10.08 19.21 40.39
N LEU D 186 9.17 18.87 39.47
CA LEU D 186 9.19 19.33 38.09
C LEU D 186 8.38 20.61 37.89
N ARG D 187 8.34 21.50 38.89
CA ARG D 187 7.55 22.72 38.76
C ARG D 187 8.14 23.65 37.72
N ALA D 188 9.46 23.88 37.77
CA ALA D 188 10.09 24.86 36.90
C ALA D 188 10.47 24.31 35.54
N VAL D 189 10.58 22.98 35.39
CA VAL D 189 11.12 22.41 34.17
C VAL D 189 10.17 22.67 33.01
N GLU D 190 10.74 23.06 31.87
CA GLU D 190 9.97 23.32 30.66
C GLU D 190 9.77 22.01 29.90
N LEU D 191 8.53 21.57 29.79
CA LEU D 191 8.21 20.25 29.28
C LEU D 191 7.69 20.35 27.85
N THR D 192 8.34 19.62 26.94
CA THR D 192 7.89 19.51 25.55
C THR D 192 7.20 18.16 25.42
N LEU D 193 5.88 18.17 25.59
CA LEU D 193 5.09 16.95 25.61
C LEU D 193 4.71 16.54 24.19
N PHE D 194 3.78 15.59 24.07
CA PHE D 194 3.28 15.09 22.80
C PHE D 194 2.02 14.26 23.04
N PRO D 195 1.05 14.27 22.12
CA PRO D 195 -0.20 13.49 22.25
C PRO D 195 0.01 12.00 22.07
N SER D 201 -5.14 13.04 23.86
CA SER D 201 -4.32 11.83 23.94
C SER D 201 -3.37 11.85 25.13
N PHE D 202 -2.08 11.63 24.86
CA PHE D 202 -1.09 11.48 25.92
C PHE D 202 -0.92 12.78 26.71
N ALA D 203 -0.52 13.85 26.03
CA ALA D 203 -0.23 15.10 26.72
C ALA D 203 -1.43 15.62 27.51
N ASP D 204 -2.65 15.28 27.08
CA ASP D 204 -3.83 15.61 27.86
C ASP D 204 -3.84 14.86 29.19
N GLU D 205 -3.40 13.61 29.18
CA GLU D 205 -3.41 12.80 30.39
C GLU D 205 -2.23 13.15 31.30
N VAL D 206 -1.11 13.60 30.73
CA VAL D 206 0.06 13.96 31.55
C VAL D 206 -0.25 15.18 32.40
N ILE D 207 -0.80 16.23 31.77
CA ILE D 207 -1.24 17.39 32.54
C ILE D 207 -2.26 16.96 33.58
N GLY D 208 -3.10 15.99 33.23
CA GLY D 208 -4.02 15.43 34.22
C GLY D 208 -3.28 14.86 35.42
N LEU D 209 -2.09 14.28 35.19
CA LEU D 209 -1.36 13.67 36.29
C LEU D 209 -0.70 14.70 37.21
N PHE D 210 -0.26 15.84 36.67
CA PHE D 210 0.10 16.96 37.54
C PHE D 210 -1.12 17.54 38.23
N LYS D 211 -2.18 17.84 37.46
CA LYS D 211 -3.36 18.47 38.06
C LYS D 211 -4.00 17.57 39.12
N HIS D 212 -3.92 16.25 38.94
CA HIS D 212 -4.53 15.32 39.89
C HIS D 212 -3.69 15.16 41.15
N ALA D 213 -2.39 15.43 41.08
CA ALA D 213 -1.53 15.54 42.25
C ALA D 213 -1.40 16.97 42.75
N GLY D 214 -1.84 17.96 41.96
CA GLY D 214 -2.00 19.31 42.45
C GLY D 214 -1.04 20.36 41.91
N ILE D 215 -0.68 20.26 40.63
CA ILE D 215 0.27 21.18 40.02
C ILE D 215 -0.27 21.68 38.68
N GLU D 216 -0.04 22.96 38.39
CA GLU D 216 -0.30 23.53 37.07
C GLU D 216 1.02 23.59 36.30
N PRO D 217 1.30 22.60 35.45
CA PRO D 217 2.65 22.48 34.89
C PRO D 217 2.96 23.59 33.90
N ARG D 218 4.26 23.83 33.72
CA ARG D 218 4.76 24.81 32.75
C ARG D 218 5.09 24.07 31.47
N ILE D 219 4.19 24.11 30.51
CA ILE D 219 4.37 23.44 29.23
C ILE D 219 5.04 24.41 28.27
N ALA D 220 6.18 23.99 27.72
CA ALA D 220 7.01 24.87 26.91
C ALA D 220 6.63 24.80 25.42
N ARG D 221 6.87 23.66 24.80
CA ARG D 221 6.52 23.40 23.41
C ARG D 221 5.59 22.19 23.37
N VAL D 222 5.35 21.69 22.16
CA VAL D 222 4.61 20.44 21.97
C VAL D 222 4.79 19.95 20.54
N VAL D 223 5.29 18.72 20.40
CA VAL D 223 5.33 18.06 19.10
C VAL D 223 4.19 17.04 19.08
N GLU D 224 4.17 16.17 18.08
CA GLU D 224 3.21 15.08 18.05
C GLU D 224 3.88 13.72 17.81
N ASP D 225 5.21 13.67 17.80
CA ASP D 225 5.96 12.42 17.70
C ASP D 225 6.80 12.25 18.97
N ALA D 226 6.86 11.00 19.45
CA ALA D 226 7.68 10.71 20.63
C ALA D 226 9.15 10.93 20.34
N THR D 227 9.67 10.36 19.24
CA THR D 227 11.05 10.59 18.86
C THR D 227 11.32 12.06 18.53
N ALA D 228 10.28 12.85 18.27
CA ALA D 228 10.45 14.29 18.09
C ALA D 228 10.73 14.98 19.41
N ALA D 229 10.02 14.59 20.47
CA ALA D 229 10.31 15.11 21.80
C ALA D 229 11.69 14.66 22.27
N LEU D 230 12.00 13.38 22.08
CA LEU D 230 13.32 12.88 22.45
C LEU D 230 14.43 13.50 21.62
N ALA D 231 14.12 13.88 20.38
CA ALA D 231 15.13 14.50 19.52
C ALA D 231 15.57 15.84 20.10
N LEU D 232 14.61 16.70 20.46
CA LEU D 232 14.95 17.97 21.08
C LEU D 232 15.67 17.78 22.41
N THR D 233 15.31 16.73 23.15
CA THR D 233 15.94 16.49 24.44
C THR D 233 17.42 16.17 24.29
N MET D 234 17.74 15.20 23.44
CA MET D 234 19.14 14.84 23.23
C MET D 234 19.90 15.88 22.43
N ALA D 235 19.21 16.82 21.79
CA ALA D 235 19.88 17.92 21.10
C ALA D 235 20.17 19.10 22.01
N GLY D 236 19.76 19.02 23.27
CA GLY D 236 19.96 20.13 24.19
C GLY D 236 19.01 21.28 23.99
N ALA D 237 17.73 20.99 23.79
CA ALA D 237 16.74 22.04 23.54
C ALA D 237 15.41 21.86 24.27
N ALA D 238 15.19 20.76 25.00
CA ALA D 238 13.91 20.55 25.64
C ALA D 238 14.04 19.41 26.66
N SER D 239 13.09 19.36 27.58
CA SER D 239 12.87 18.21 28.45
C SER D 239 11.45 17.71 28.23
N SER D 240 11.22 16.45 28.58
CA SER D 240 9.91 15.84 28.34
C SER D 240 9.64 14.79 29.41
N ILE D 241 8.43 14.23 29.36
CA ILE D 241 8.02 13.12 30.21
C ILE D 241 7.60 11.97 29.30
N VAL D 242 8.18 10.80 29.52
CA VAL D 242 8.02 9.68 28.60
C VAL D 242 7.58 8.44 29.39
N PRO D 243 6.95 7.49 28.71
CA PRO D 243 6.64 6.21 29.37
C PRO D 243 7.89 5.40 29.64
N ALA D 244 7.71 4.32 30.40
CA ALA D 244 8.83 3.44 30.71
C ALA D 244 9.35 2.74 29.46
N SER D 245 8.46 2.42 28.51
CA SER D 245 8.88 1.82 27.25
C SER D 245 9.84 2.74 26.50
N VAL D 246 9.59 4.05 26.57
CA VAL D 246 10.50 5.00 25.92
C VAL D 246 11.79 5.11 26.71
N ALA D 247 11.70 5.15 28.04
CA ALA D 247 12.91 5.22 28.86
C ALA D 247 13.68 3.92 28.84
N ALA D 248 13.01 2.80 28.55
CA ALA D 248 13.70 1.51 28.47
C ALA D 248 14.74 1.50 27.38
N ILE D 249 14.53 2.29 26.34
CA ILE D 249 15.52 2.41 25.27
C ILE D 249 16.69 3.22 25.82
N ARG D 250 17.91 2.69 25.68
CA ARG D 250 19.10 3.44 26.08
C ARG D 250 19.27 4.64 25.16
N TRP D 251 18.71 5.79 25.56
CA TRP D 251 18.76 6.77 24.50
C TRP D 251 20.10 7.53 24.54
N PRO D 252 20.66 7.88 23.38
CA PRO D 252 22.10 8.21 23.33
C PRO D 252 22.54 9.32 24.27
N ASP D 253 21.92 10.50 24.23
CA ASP D 253 22.31 11.61 25.10
C ASP D 253 21.19 12.03 26.05
N ILE D 254 20.21 11.17 26.26
CA ILE D 254 19.07 11.49 27.11
C ILE D 254 19.23 10.77 28.44
N ALA D 255 18.71 11.39 29.50
CA ALA D 255 18.66 10.78 30.82
C ALA D 255 17.23 10.74 31.31
N PHE D 256 16.86 9.67 32.01
CA PHE D 256 15.48 9.44 32.43
C PHE D 256 15.42 9.27 33.95
N ALA D 257 14.38 9.86 34.55
CA ALA D 257 14.21 9.88 36.01
C ALA D 257 12.80 9.42 36.36
N ARG D 258 12.70 8.35 37.15
CA ARG D 258 11.42 7.73 37.50
C ARG D 258 10.50 8.67 38.27
N ILE D 259 9.38 9.03 37.67
CA ILE D 259 8.37 9.86 38.32
C ILE D 259 7.59 8.99 39.29
N VAL D 260 7.65 9.34 40.58
CA VAL D 260 7.09 8.53 41.65
C VAL D 260 5.94 9.28 42.31
N GLY D 261 4.93 8.54 42.75
CA GLY D 261 3.79 9.14 43.41
C GLY D 261 2.62 8.19 43.44
N THR D 262 1.60 8.60 44.19
CA THR D 262 0.39 7.79 44.34
C THR D 262 -0.38 7.78 43.03
N ARG D 263 -0.41 6.63 42.37
CA ARG D 263 -1.17 6.44 41.12
C ARG D 263 -0.66 7.37 40.02
N VAL D 264 0.66 7.39 39.82
CA VAL D 264 1.26 8.11 38.71
C VAL D 264 1.81 7.11 37.69
N LYS D 265 0.95 6.71 36.75
CA LYS D 265 1.32 5.73 35.75
C LYS D 265 0.31 5.77 34.62
N VAL D 266 0.74 5.39 33.43
CA VAL D 266 -0.14 5.27 32.28
C VAL D 266 -0.37 3.80 31.96
N PRO D 267 -1.53 3.44 31.43
CA PRO D 267 -1.81 2.03 31.14
C PRO D 267 -1.49 1.65 29.70
N ILE D 268 -1.32 0.34 29.50
CA ILE D 268 -1.26 -0.25 28.17
C ILE D 268 -2.62 -0.88 27.91
N SER D 269 -3.34 -0.34 26.92
CA SER D 269 -4.67 -0.83 26.59
C SER D 269 -4.63 -1.63 25.30
N CYS D 270 -5.57 -2.57 25.18
CA CYS D 270 -5.64 -3.47 24.04
C CYS D 270 -7.08 -3.52 23.57
N ILE D 271 -7.32 -3.09 22.32
CA ILE D 271 -8.68 -2.92 21.84
C ILE D 271 -8.94 -3.90 20.71
N PHE D 272 -10.14 -4.48 20.69
CA PHE D 272 -10.55 -5.42 19.66
C PHE D 272 -12.06 -5.51 19.63
N ARG D 273 -12.59 -6.04 18.51
CA ARG D 273 -14.02 -6.17 18.33
C ARG D 273 -14.56 -7.33 19.17
N LYS D 274 -15.70 -7.10 19.83
CA LYS D 274 -16.21 -8.09 20.77
C LYS D 274 -16.74 -9.32 20.06
N GLU D 275 -17.61 -9.12 19.07
CA GLU D 275 -18.29 -10.24 18.41
C GLU D 275 -17.52 -10.72 17.18
N LYS D 276 -17.65 -12.02 16.91
CA LYS D 276 -17.10 -12.66 15.71
C LYS D 276 -15.59 -12.46 15.62
N GLN D 277 -14.88 -13.08 16.57
CA GLN D 277 -13.44 -12.91 16.51
C GLN D 277 -12.77 -14.11 15.86
N PRO D 278 -11.78 -13.88 15.02
CA PRO D 278 -11.13 -14.97 14.28
C PRO D 278 -10.31 -15.84 15.23
N PRO D 279 -9.99 -17.07 14.81
CA PRO D 279 -9.20 -17.95 15.69
C PRO D 279 -7.85 -17.37 16.11
N ILE D 280 -7.06 -16.86 15.17
CA ILE D 280 -5.73 -16.37 15.52
C ILE D 280 -5.82 -15.20 16.49
N LEU D 281 -6.90 -14.42 16.42
CA LEU D 281 -7.16 -13.41 17.44
C LEU D 281 -7.72 -14.05 18.70
N ALA D 282 -8.61 -15.02 18.54
CA ALA D 282 -9.24 -15.67 19.70
C ALA D 282 -8.21 -16.31 20.62
N ARG D 283 -7.13 -16.87 20.05
CA ARG D 283 -6.04 -17.31 20.92
C ARG D 283 -5.21 -16.14 21.43
N PHE D 284 -5.07 -15.07 20.65
CA PHE D 284 -4.23 -13.98 21.10
C PHE D 284 -4.81 -13.31 22.34
N VAL D 285 -6.14 -13.10 22.37
CA VAL D 285 -6.75 -12.57 23.58
C VAL D 285 -6.66 -13.59 24.71
N GLU D 286 -6.61 -14.88 24.37
CA GLU D 286 -6.33 -15.89 25.40
C GLU D 286 -4.96 -15.67 26.03
N HIS D 287 -4.00 -15.16 25.25
CA HIS D 287 -2.68 -14.82 25.76
C HIS D 287 -2.65 -13.43 26.40
N VAL D 288 -3.62 -12.57 26.09
CA VAL D 288 -3.63 -11.23 26.67
C VAL D 288 -4.10 -11.28 28.11
N ARG D 289 -5.26 -11.87 28.36
CA ARG D 289 -5.85 -11.83 29.69
C ARG D 289 -5.11 -12.73 30.67
N ARG D 290 -4.59 -13.85 30.20
CA ARG D 290 -3.84 -14.75 31.07
C ARG D 290 -2.56 -14.09 31.55
N SER D 291 -1.87 -13.38 30.66
CA SER D 291 -0.62 -12.71 31.00
C SER D 291 -0.84 -11.43 31.80
N ALA D 292 -2.09 -11.06 32.10
CA ALA D 292 -2.35 -9.93 32.98
C ALA D 292 -1.90 -10.19 34.41
N LYS D 293 -1.48 -11.42 34.72
CA LYS D 293 -0.95 -11.76 36.03
C LYS D 293 0.57 -11.79 36.00
#